data_8OYD
#
_entry.id   8OYD
#
_cell.length_a   1.000
_cell.length_b   1.000
_cell.length_c   1.000
_cell.angle_alpha   90.00
_cell.angle_beta   90.00
_cell.angle_gamma   90.00
#
_symmetry.space_group_name_H-M   'P 1'
#
_entity_poly.entity_id   1
_entity_poly.type   'polypeptide(L)'
_entity_poly.pdbx_seq_one_letter_code
;MTDKTGREHLSVYAVVVIASVVGFCLLVMLFLLKLARHSKFGMKG
;
_entity_poly.pdbx_strand_id   A,B
#
# COMPACT_ATOMS: atom_id res chain seq x y z
N MET A 1 -13.79 -15.78 -7.00
CA MET A 1 -13.39 -17.12 -6.59
C MET A 1 -14.47 -17.77 -5.74
N THR A 2 -14.52 -17.39 -4.46
CA THR A 2 -15.50 -17.95 -3.54
C THR A 2 -15.95 -16.90 -2.53
N ASP A 3 -17.25 -16.62 -2.52
CA ASP A 3 -17.82 -15.63 -1.59
C ASP A 3 -18.71 -16.31 -0.56
N LYS A 4 -18.09 -16.88 0.47
CA LYS A 4 -18.84 -17.55 1.53
C LYS A 4 -18.93 -16.68 2.78
N THR A 5 -19.60 -17.19 3.81
CA THR A 5 -19.76 -16.45 5.05
C THR A 5 -19.08 -17.18 6.21
N GLY A 6 -18.42 -16.41 7.07
CA GLY A 6 -17.74 -17.00 8.21
C GLY A 6 -16.99 -15.97 9.03
N ARG A 7 -17.27 -15.93 10.33
CA ARG A 7 -16.61 -14.98 11.22
C ARG A 7 -15.10 -14.98 11.01
N GLU A 8 -14.57 -16.14 10.63
CA GLU A 8 -13.13 -16.27 10.39
C GLU A 8 -12.72 -15.50 9.15
N HIS A 9 -13.40 -15.77 8.04
CA HIS A 9 -13.10 -15.10 6.78
C HIS A 9 -12.96 -13.60 6.98
N LEU A 10 -14.04 -12.96 7.43
CA LEU A 10 -14.04 -11.52 7.66
C LEU A 10 -12.79 -11.10 8.42
N SER A 11 -12.52 -11.78 9.53
CA SER A 11 -11.36 -11.48 10.36
C SER A 11 -10.06 -11.64 9.57
N VAL A 12 -10.01 -12.69 8.75
CA VAL A 12 -8.83 -12.96 7.94
C VAL A 12 -8.48 -11.77 7.06
N TYR A 13 -9.43 -11.33 6.25
CA TYR A 13 -9.22 -10.20 5.36
C TYR A 13 -8.80 -8.96 6.15
N ALA A 14 -9.50 -8.70 7.25
CA ALA A 14 -9.20 -7.55 8.10
C ALA A 14 -7.74 -7.57 8.56
N VAL A 15 -7.23 -8.78 8.81
CA VAL A 15 -5.85 -8.94 9.26
C VAL A 15 -4.86 -8.60 8.14
N VAL A 16 -5.07 -9.21 6.97
CA VAL A 16 -4.20 -8.97 5.83
C VAL A 16 -4.23 -7.51 5.41
N VAL A 17 -5.44 -6.97 5.27
CA VAL A 17 -5.61 -5.58 4.86
C VAL A 17 -4.80 -4.65 5.75
N ILE A 18 -5.06 -4.69 7.05
CA ILE A 18 -4.36 -3.85 8.02
C ILE A 18 -2.85 -3.98 7.85
N ALA A 19 -2.37 -5.22 7.78
CA ALA A 19 -0.95 -5.48 7.61
C ALA A 19 -0.39 -4.77 6.39
N SER A 20 -1.03 -4.99 5.24
CA SER A 20 -0.60 -4.38 3.99
C SER A 20 -0.57 -2.85 4.13
N VAL A 21 -1.51 -2.32 4.89
CA VAL A 21 -1.60 -0.88 5.11
C VAL A 21 -0.37 -0.35 5.84
N VAL A 22 -0.10 -0.92 7.01
CA VAL A 22 1.05 -0.51 7.81
C VAL A 22 2.33 -0.58 7.00
N GLY A 23 2.63 -1.76 6.45
CA GLY A 23 3.82 -1.94 5.67
C GLY A 23 4.00 -0.85 4.63
N PHE A 24 2.98 -0.65 3.80
CA PHE A 24 3.03 0.37 2.75
C PHE A 24 3.22 1.76 3.37
N CYS A 25 2.42 2.08 4.37
CA CYS A 25 2.51 3.37 5.03
C CYS A 25 3.93 3.67 5.48
N LEU A 26 4.69 2.61 5.76
CA LEU A 26 6.07 2.75 6.20
C LEU A 26 6.99 3.06 5.01
N LEU A 27 6.95 2.21 4.00
CA LEU A 27 7.77 2.40 2.81
C LEU A 27 7.47 3.72 2.14
N VAL A 28 6.21 4.14 2.20
CA VAL A 28 5.78 5.40 1.60
C VAL A 28 6.40 6.59 2.32
N MET A 29 6.04 6.75 3.59
CA MET A 29 6.55 7.85 4.39
C MET A 29 8.06 7.99 4.22
N LEU A 30 8.78 6.89 4.41
CA LEU A 30 10.23 6.88 4.29
C LEU A 30 10.66 7.43 2.92
N PHE A 31 9.91 7.07 1.89
CA PHE A 31 10.20 7.54 0.53
C PHE A 31 10.04 9.05 0.43
N LEU A 32 8.87 9.54 0.81
CA LEU A 32 8.59 10.97 0.76
C LEU A 32 9.72 11.77 1.38
N LEU A 33 10.16 11.36 2.56
CA LEU A 33 11.24 12.04 3.26
C LEU A 33 12.58 11.79 2.57
N LYS A 34 12.76 10.58 2.04
CA LYS A 34 13.99 10.22 1.35
C LYS A 34 14.33 11.25 0.27
N LEU A 35 13.36 11.53 -0.60
CA LEU A 35 13.55 12.49 -1.67
C LEU A 35 13.50 13.92 -1.13
N ALA A 36 12.83 14.10 -0.01
CA ALA A 36 12.71 15.42 0.61
C ALA A 36 14.09 16.00 0.93
N ARG A 37 14.87 15.26 1.72
CA ARG A 37 16.20 15.70 2.09
C ARG A 37 17.18 15.56 0.92
N HIS A 38 16.95 14.55 0.09
CA HIS A 38 17.81 14.32 -1.06
C HIS A 38 17.96 15.59 -1.90
N SER A 39 16.85 16.27 -2.14
CA SER A 39 16.86 17.49 -2.94
C SER A 39 17.86 18.49 -2.36
N LYS A 40 17.94 18.55 -1.05
CA LYS A 40 18.86 19.47 -0.38
C LYS A 40 18.94 20.80 -1.11
N PHE A 41 17.80 21.30 -1.55
CA PHE A 41 17.73 22.56 -2.28
C PHE A 41 18.86 22.66 -3.31
N GLY A 42 18.63 22.06 -4.47
CA GLY A 42 19.64 22.09 -5.52
C GLY A 42 20.90 21.34 -5.13
N MET A 43 21.86 22.06 -4.55
CA MET A 43 23.12 21.45 -4.14
C MET A 43 23.37 21.67 -2.65
N LYS A 44 24.33 20.95 -2.09
CA LYS A 44 24.66 21.07 -0.68
C LYS A 44 25.16 22.48 -0.36
N GLY A 45 24.69 23.02 0.76
CA GLY A 45 25.10 24.35 1.17
C GLY A 45 26.04 24.34 2.36
N MET B 1 -14.47 -25.82 -13.69
CA MET B 1 -14.26 -25.13 -12.43
C MET B 1 -13.93 -26.10 -11.32
N THR B 2 -13.98 -25.63 -10.08
CA THR B 2 -13.69 -26.47 -8.92
C THR B 2 -14.37 -25.94 -7.67
N ASP B 3 -15.25 -26.75 -7.09
CA ASP B 3 -15.97 -26.35 -5.88
C ASP B 3 -15.58 -27.25 -4.70
N LYS B 4 -14.29 -27.26 -4.39
CA LYS B 4 -13.77 -28.07 -3.29
C LYS B 4 -13.00 -27.20 -2.30
N THR B 5 -12.48 -27.83 -1.24
CA THR B 5 -11.72 -27.13 -0.23
C THR B 5 -10.26 -27.58 -0.21
N GLY B 6 -9.35 -26.62 -0.20
CA GLY B 6 -7.93 -26.96 -0.18
C GLY B 6 -7.06 -25.75 -0.45
N ARG B 7 -6.03 -25.57 0.38
CA ARG B 7 -5.11 -24.45 0.23
C ARG B 7 -5.88 -23.14 0.05
N GLU B 8 -7.05 -23.06 0.68
CA GLU B 8 -7.88 -21.86 0.58
C GLU B 8 -7.22 -20.68 1.31
N HIS B 9 -6.82 -20.91 2.55
CA HIS B 9 -6.19 -19.88 3.35
C HIS B 9 -5.10 -19.17 2.55
N LEU B 10 -4.08 -19.93 2.15
CA LEU B 10 -2.97 -19.37 1.38
C LEU B 10 -3.49 -18.50 0.24
N SER B 11 -4.42 -19.04 -0.54
CA SER B 11 -5.00 -18.31 -1.66
C SER B 11 -5.67 -17.03 -1.18
N VAL B 12 -6.36 -17.12 -0.06
CA VAL B 12 -7.06 -15.97 0.51
C VAL B 12 -6.10 -14.80 0.73
N TYR B 13 -5.05 -15.04 1.51
CA TYR B 13 -4.07 -14.01 1.80
C TYR B 13 -3.48 -13.43 0.52
N ALA B 14 -3.12 -14.32 -0.41
CA ALA B 14 -2.55 -13.89 -1.69
C ALA B 14 -3.48 -12.93 -2.41
N VAL B 15 -4.79 -13.14 -2.26
CA VAL B 15 -5.78 -12.29 -2.90
C VAL B 15 -5.82 -10.90 -2.25
N VAL B 16 -5.94 -10.88 -0.93
CA VAL B 16 -5.98 -9.62 -0.19
C VAL B 16 -4.69 -8.83 -0.38
N VAL B 17 -3.56 -9.49 -0.19
CA VAL B 17 -2.26 -8.85 -0.35
C VAL B 17 -2.16 -8.14 -1.69
N ILE B 18 -2.33 -8.88 -2.77
CA ILE B 18 -2.27 -8.31 -4.11
C ILE B 18 -3.17 -7.09 -4.24
N ALA B 19 -4.41 -7.22 -3.80
CA ALA B 19 -5.36 -6.13 -3.86
C ALA B 19 -4.81 -4.88 -3.16
N SER B 20 -4.39 -5.04 -1.91
CA SER B 20 -3.86 -3.94 -1.14
C SER B 20 -2.68 -3.30 -1.86
N VAL B 21 -1.90 -4.12 -2.55
CA VAL B 21 -0.73 -3.64 -3.28
C VAL B 21 -1.14 -2.71 -4.40
N VAL B 22 -2.01 -3.19 -5.29
CA VAL B 22 -2.49 -2.40 -6.41
C VAL B 22 -3.08 -1.07 -5.94
N GLY B 23 -4.07 -1.15 -5.06
CA GLY B 23 -4.69 0.05 -4.55
C GLY B 23 -3.68 1.09 -4.09
N PHE B 24 -2.77 0.68 -3.21
CA PHE B 24 -1.75 1.57 -2.69
C PHE B 24 -0.87 2.10 -3.81
N CYS B 25 -0.39 1.20 -4.66
CA CYS B 25 0.46 1.58 -5.79
C CYS B 25 -0.19 2.69 -6.61
N LEU B 26 -1.51 2.72 -6.61
CA LEU B 26 -2.25 3.73 -7.35
C LEU B 26 -2.25 5.07 -6.63
N LEU B 27 -2.69 5.06 -5.38
CA LEU B 27 -2.74 6.27 -4.57
C LEU B 27 -1.35 6.88 -4.42
N VAL B 28 -0.33 6.01 -4.36
CA VAL B 28 1.04 6.46 -4.22
C VAL B 28 1.51 7.20 -5.48
N MET B 29 1.57 6.48 -6.59
CA MET B 29 2.00 7.07 -7.86
C MET B 29 1.31 8.41 -8.09
N LEU B 30 -0.02 8.43 -7.98
CA LEU B 30 -0.79 9.65 -8.18
C LEU B 30 -0.28 10.77 -7.28
N PHE B 31 0.08 10.41 -6.05
CA PHE B 31 0.58 11.39 -5.09
C PHE B 31 1.91 11.97 -5.55
N LEU B 32 2.86 11.09 -5.83
CA LEU B 32 4.18 11.51 -6.28
C LEU B 32 4.07 12.54 -7.41
N LEU B 33 3.23 12.24 -8.40
CA LEU B 33 3.04 13.15 -9.52
C LEU B 33 2.26 14.38 -9.10
N LYS B 34 1.30 14.20 -8.21
CA LYS B 34 0.48 15.30 -7.72
C LYS B 34 1.37 16.45 -7.23
N LEU B 35 2.30 16.14 -6.35
CA LEU B 35 3.21 17.15 -5.80
C LEU B 35 4.27 17.53 -6.83
N ALA B 36 4.55 16.61 -7.75
CA ALA B 36 5.54 16.86 -8.79
C ALA B 36 5.20 18.10 -9.60
N ARG B 37 4.01 18.10 -10.20
CA ARG B 37 3.55 19.23 -11.01
C ARG B 37 3.17 20.40 -10.12
N HIS B 38 2.64 20.11 -8.95
CA HIS B 38 2.24 21.15 -8.00
C HIS B 38 3.37 22.15 -7.77
N SER B 39 4.58 21.63 -7.60
CA SER B 39 5.75 22.47 -7.36
C SER B 39 5.85 23.57 -8.42
N LYS B 40 5.48 23.22 -9.65
CA LYS B 40 5.53 24.17 -10.76
C LYS B 40 6.76 25.06 -10.66
N PHE B 41 7.90 24.44 -10.32
CA PHE B 41 9.15 25.19 -10.20
C PHE B 41 9.34 26.14 -11.37
N GLY B 42 9.18 27.44 -11.11
CA GLY B 42 9.34 28.43 -12.15
C GLY B 42 8.08 28.61 -12.97
N MET B 43 7.92 27.77 -14.00
CA MET B 43 6.76 27.82 -14.86
C MET B 43 5.90 26.57 -14.73
N LYS B 44 4.63 26.69 -15.09
CA LYS B 44 3.71 25.57 -15.00
C LYS B 44 4.04 24.50 -16.05
N GLY B 45 4.00 23.24 -15.64
CA GLY B 45 4.30 22.15 -16.54
C GLY B 45 3.07 21.35 -16.91
N MET A 1 -24.92 -5.59 9.12
CA MET A 1 -25.21 -6.99 8.86
C MET A 1 -25.28 -7.78 10.17
N THR A 2 -25.70 -9.04 10.07
CA THR A 2 -25.81 -9.89 11.24
C THR A 2 -24.49 -10.62 11.52
N ASP A 3 -24.30 -11.02 12.77
CA ASP A 3 -23.09 -11.72 13.16
C ASP A 3 -23.38 -13.18 13.48
N LYS A 4 -22.39 -14.04 13.28
CA LYS A 4 -22.54 -15.46 13.54
C LYS A 4 -21.25 -16.06 14.10
N THR A 5 -21.32 -17.30 14.55
CA THR A 5 -20.16 -17.99 15.10
C THR A 5 -19.42 -18.78 14.03
N GLY A 6 -18.15 -18.47 13.83
CA GLY A 6 -17.36 -19.16 12.84
C GLY A 6 -17.02 -18.30 11.65
N ARG A 7 -16.75 -17.02 11.91
CA ARG A 7 -16.41 -16.07 10.84
C ARG A 7 -14.92 -15.81 10.80
N GLU A 8 -14.16 -16.78 10.27
CA GLU A 8 -12.71 -16.65 10.16
C GLU A 8 -12.32 -15.87 8.92
N HIS A 9 -12.96 -16.20 7.79
CA HIS A 9 -12.67 -15.53 6.53
C HIS A 9 -12.62 -14.01 6.72
N LEU A 10 -13.75 -13.44 7.12
CA LEU A 10 -13.84 -12.00 7.34
C LEU A 10 -12.67 -11.49 8.16
N SER A 11 -12.40 -12.16 9.27
CA SER A 11 -11.29 -11.78 10.15
C SER A 11 -9.97 -11.86 9.41
N VAL A 12 -9.83 -12.87 8.55
CA VAL A 12 -8.60 -13.06 7.78
C VAL A 12 -8.31 -11.85 6.91
N TYR A 13 -9.26 -11.51 6.04
CA TYR A 13 -9.11 -10.37 5.14
C TYR A 13 -8.75 -9.11 5.92
N ALA A 14 -9.47 -8.88 7.02
CA ALA A 14 -9.23 -7.71 7.85
C ALA A 14 -7.78 -7.67 8.34
N VAL A 15 -7.27 -8.83 8.73
CA VAL A 15 -5.90 -8.93 9.22
C VAL A 15 -4.90 -8.58 8.13
N VAL A 16 -5.06 -9.21 6.97
CA VAL A 16 -4.17 -8.98 5.84
C VAL A 16 -4.17 -7.51 5.43
N VAL A 17 -5.37 -6.95 5.27
CA VAL A 17 -5.51 -5.55 4.88
C VAL A 17 -4.69 -4.64 5.80
N ILE A 18 -4.98 -4.70 7.09
CA ILE A 18 -4.27 -3.88 8.07
C ILE A 18 -2.76 -4.01 7.91
N ALA A 19 -2.28 -5.25 7.81
CA ALA A 19 -0.86 -5.52 7.63
C ALA A 19 -0.31 -4.77 6.42
N SER A 20 -0.92 -5.01 5.26
CA SER A 20 -0.49 -4.38 4.02
C SER A 20 -0.47 -2.85 4.17
N VAL A 21 -1.45 -2.33 4.92
CA VAL A 21 -1.54 -0.90 5.14
C VAL A 21 -0.32 -0.37 5.88
N VAL A 22 -0.02 -0.96 7.03
CA VAL A 22 1.13 -0.55 7.82
C VAL A 22 2.41 -0.60 7.01
N GLY A 23 2.71 -1.76 6.46
CA GLY A 23 3.91 -1.92 5.66
C GLY A 23 4.06 -0.83 4.62
N PHE A 24 3.04 -0.65 3.78
CA PHE A 24 3.08 0.37 2.75
C PHE A 24 3.26 1.76 3.35
N CYS A 25 2.46 2.05 4.37
CA CYS A 25 2.53 3.36 5.05
C CYS A 25 3.96 3.66 5.48
N LEU A 26 4.73 2.62 5.76
CA LEU A 26 6.11 2.77 6.18
C LEU A 26 7.02 3.10 5.00
N LEU A 27 7.00 2.23 3.99
CA LEU A 27 7.81 2.44 2.80
C LEU A 27 7.49 3.77 2.14
N VAL A 28 6.22 4.16 2.19
CA VAL A 28 5.79 5.42 1.59
C VAL A 28 6.39 6.61 2.33
N MET A 29 6.02 6.77 3.59
CA MET A 29 6.53 7.87 4.40
C MET A 29 8.03 8.03 4.22
N LEU A 30 8.77 6.95 4.43
CA LEU A 30 10.21 6.98 4.30
C LEU A 30 10.62 7.52 2.94
N PHE A 31 9.88 7.16 1.90
CA PHE A 31 10.15 7.62 0.55
C PHE A 31 9.95 9.12 0.43
N LEU A 32 8.77 9.58 0.83
CA LEU A 32 8.45 11.01 0.76
C LEU A 32 9.57 11.85 1.37
N LEU A 33 10.06 11.43 2.54
CA LEU A 33 11.13 12.14 3.22
C LEU A 33 12.47 11.92 2.52
N LYS A 34 12.65 10.71 2.00
CA LYS A 34 13.88 10.36 1.30
C LYS A 34 14.20 11.38 0.21
N LEU A 35 13.21 11.65 -0.64
CA LEU A 35 13.39 12.59 -1.74
C LEU A 35 13.36 14.03 -1.21
N ALA A 36 12.62 14.24 -0.12
CA ALA A 36 12.52 15.57 0.48
C ALA A 36 13.90 16.15 0.78
N ARG A 37 14.73 15.36 1.48
CA ARG A 37 16.07 15.80 1.84
C ARG A 37 17.01 15.69 0.64
N HIS A 38 16.75 14.70 -0.21
CA HIS A 38 17.58 14.49 -1.40
C HIS A 38 17.69 15.78 -2.23
N SER A 39 16.55 16.45 -2.41
CA SER A 39 16.52 17.69 -3.18
C SER A 39 17.38 18.76 -2.52
N LYS A 40 17.43 18.73 -1.19
CA LYS A 40 18.22 19.71 -0.43
C LYS A 40 17.65 21.11 -0.61
N PHE A 41 16.33 21.21 -0.71
CA PHE A 41 15.67 22.50 -0.88
C PHE A 41 16.28 23.27 -2.03
N GLY A 42 16.67 22.54 -3.08
CA GLY A 42 17.27 23.18 -4.25
C GLY A 42 18.62 22.60 -4.60
N MET A 43 18.62 21.54 -5.40
CA MET A 43 19.85 20.88 -5.81
C MET A 43 20.84 21.89 -6.38
N LYS A 44 22.10 21.77 -5.99
CA LYS A 44 23.14 22.68 -6.47
C LYS A 44 23.46 22.41 -7.94
N GLY A 45 24.18 23.35 -8.56
CA GLY A 45 24.54 23.19 -9.95
C GLY A 45 25.17 24.44 -10.53
N MET B 1 -0.31 -35.12 -9.22
CA MET B 1 0.08 -34.91 -7.82
C MET B 1 -1.10 -35.12 -6.89
N THR B 2 -0.83 -35.10 -5.58
CA THR B 2 -1.86 -35.30 -4.58
C THR B 2 -2.54 -33.98 -4.23
N ASP B 3 -3.82 -34.05 -3.85
CA ASP B 3 -4.57 -32.86 -3.48
C ASP B 3 -4.95 -32.90 -2.01
N LYS B 4 -5.22 -31.73 -1.45
CA LYS B 4 -5.61 -31.63 -0.04
C LYS B 4 -6.82 -30.70 0.13
N THR B 5 -7.53 -30.86 1.24
CA THR B 5 -8.69 -30.03 1.52
C THR B 5 -8.38 -28.98 2.58
N GLY B 6 -8.62 -27.72 2.24
CA GLY B 6 -8.36 -26.63 3.17
C GLY B 6 -7.29 -25.69 2.67
N ARG B 7 -7.28 -25.45 1.37
CA ARG B 7 -6.28 -24.56 0.76
C ARG B 7 -6.91 -23.23 0.38
N GLU B 8 -7.88 -22.78 1.18
CA GLU B 8 -8.57 -21.52 0.92
C GLU B 8 -7.84 -20.36 1.60
N HIS B 9 -7.51 -20.56 2.88
CA HIS B 9 -6.82 -19.52 3.65
C HIS B 9 -5.66 -18.94 2.86
N LEU B 10 -4.69 -19.79 2.51
CA LEU B 10 -3.53 -19.35 1.76
C LEU B 10 -3.95 -18.49 0.56
N SER B 11 -4.90 -18.98 -0.21
CA SER B 11 -5.39 -18.26 -1.38
C SER B 11 -5.99 -16.92 -0.98
N VAL B 12 -6.69 -16.91 0.15
CA VAL B 12 -7.32 -15.69 0.65
C VAL B 12 -6.28 -14.59 0.89
N TYR B 13 -5.30 -14.89 1.73
CA TYR B 13 -4.26 -13.93 2.04
C TYR B 13 -3.60 -13.40 0.78
N ALA B 14 -3.26 -14.31 -0.14
CA ALA B 14 -2.64 -13.93 -1.41
C ALA B 14 -3.50 -12.93 -2.16
N VAL B 15 -4.81 -13.17 -2.16
CA VAL B 15 -5.74 -12.29 -2.85
C VAL B 15 -5.76 -10.89 -2.22
N VAL B 16 -5.93 -10.86 -0.90
CA VAL B 16 -5.96 -9.58 -0.18
C VAL B 16 -4.67 -8.80 -0.40
N VAL B 17 -3.53 -9.46 -0.21
CA VAL B 17 -2.24 -8.82 -0.38
C VAL B 17 -2.15 -8.12 -1.73
N ILE B 18 -2.32 -8.88 -2.80
CA ILE B 18 -2.26 -8.32 -4.15
C ILE B 18 -3.16 -7.11 -4.28
N ALA B 19 -4.39 -7.23 -3.81
CA ALA B 19 -5.36 -6.14 -3.87
C ALA B 19 -4.81 -4.89 -3.19
N SER B 20 -4.40 -5.03 -1.93
CA SER B 20 -3.86 -3.92 -1.17
C SER B 20 -2.67 -3.29 -1.90
N VAL B 21 -1.88 -4.12 -2.56
CA VAL B 21 -0.72 -3.65 -3.29
C VAL B 21 -1.13 -2.72 -4.43
N VAL B 22 -2.02 -3.20 -5.29
CA VAL B 22 -2.49 -2.41 -6.43
C VAL B 22 -3.07 -1.08 -5.96
N GLY B 23 -4.05 -1.14 -5.08
CA GLY B 23 -4.68 0.07 -4.57
C GLY B 23 -3.66 1.09 -4.11
N PHE B 24 -2.75 0.67 -3.22
CA PHE B 24 -1.72 1.56 -2.70
C PHE B 24 -0.84 2.08 -3.83
N CYS B 25 -0.38 1.18 -4.67
CA CYS B 25 0.48 1.55 -5.80
C CYS B 25 -0.15 2.66 -6.63
N LEU B 26 -1.48 2.71 -6.63
CA LEU B 26 -2.21 3.71 -7.39
C LEU B 26 -2.20 5.06 -6.65
N LEU B 27 -2.67 5.05 -5.41
CA LEU B 27 -2.71 6.26 -4.61
C LEU B 27 -1.32 6.87 -4.46
N VAL B 28 -0.30 6.01 -4.39
CA VAL B 28 1.07 6.46 -4.25
C VAL B 28 1.54 7.18 -5.50
N MET B 29 1.60 6.47 -6.62
CA MET B 29 2.03 7.05 -7.88
C MET B 29 1.36 8.40 -8.11
N LEU B 30 0.03 8.43 -8.04
CA LEU B 30 -0.72 9.66 -8.24
C LEU B 30 -0.22 10.77 -7.32
N PHE B 31 0.13 10.39 -6.10
CA PHE B 31 0.64 11.35 -5.12
C PHE B 31 1.99 11.91 -5.56
N LEU B 32 2.93 11.02 -5.84
CA LEU B 32 4.27 11.42 -6.28
C LEU B 32 4.19 12.47 -7.39
N LEU B 33 3.34 12.20 -8.38
CA LEU B 33 3.17 13.12 -9.50
C LEU B 33 2.42 14.38 -9.06
N LYS B 34 1.44 14.19 -8.18
CA LYS B 34 0.64 15.30 -7.68
C LYS B 34 1.52 16.43 -7.17
N LEU B 35 2.45 16.09 -6.29
CA LEU B 35 3.38 17.07 -5.73
C LEU B 35 4.42 17.48 -6.75
N ALA B 36 4.75 16.57 -7.66
CA ALA B 36 5.75 16.84 -8.69
C ALA B 36 5.39 18.09 -9.48
N ARG B 37 4.17 18.14 -9.99
CA ARG B 37 3.70 19.28 -10.76
C ARG B 37 3.36 20.46 -9.85
N HIS B 38 2.88 20.15 -8.65
CA HIS B 38 2.52 21.18 -7.68
C HIS B 38 3.66 22.15 -7.46
N SER B 39 4.87 21.62 -7.32
CA SER B 39 6.06 22.44 -7.11
C SER B 39 6.30 23.36 -8.29
N LYS B 40 5.96 22.89 -9.48
CA LYS B 40 6.13 23.68 -10.71
C LYS B 40 7.62 23.93 -10.98
N PHE B 41 8.45 22.94 -10.68
CA PHE B 41 9.88 23.05 -10.90
C PHE B 41 10.43 24.32 -10.23
N GLY B 42 9.87 24.65 -9.07
CA GLY B 42 10.32 25.84 -8.35
C GLY B 42 9.17 26.74 -7.97
N MET B 43 8.53 26.45 -6.83
CA MET B 43 7.41 27.25 -6.36
C MET B 43 7.78 28.73 -6.31
N LYS B 44 6.87 29.58 -6.77
CA LYS B 44 7.10 31.02 -6.77
C LYS B 44 7.09 31.58 -5.35
N GLY B 45 7.56 32.82 -5.20
CA GLY B 45 7.61 33.45 -3.89
C GLY B 45 8.37 34.76 -3.91
N MET A 1 -27.22 -23.45 -1.52
CA MET A 1 -26.34 -22.30 -1.41
C MET A 1 -26.93 -21.25 -0.47
N THR A 2 -26.90 -21.53 0.83
CA THR A 2 -27.44 -20.61 1.82
C THR A 2 -26.33 -19.84 2.52
N ASP A 3 -26.40 -18.51 2.46
CA ASP A 3 -25.40 -17.67 3.10
C ASP A 3 -25.50 -17.74 4.62
N LYS A 4 -24.37 -17.60 5.29
CA LYS A 4 -24.32 -17.65 6.74
C LYS A 4 -23.63 -16.42 7.32
N THR A 5 -23.66 -16.30 8.64
CA THR A 5 -23.03 -15.16 9.31
C THR A 5 -21.85 -15.61 10.17
N GLY A 6 -20.74 -14.90 10.05
CA GLY A 6 -19.56 -15.22 10.82
C GLY A 6 -18.72 -14.01 11.17
N ARG A 7 -18.65 -13.70 12.46
CA ARG A 7 -17.88 -12.54 12.92
C ARG A 7 -16.41 -12.68 12.54
N GLU A 8 -15.91 -13.92 12.52
CA GLU A 8 -14.53 -14.18 12.17
C GLU A 8 -14.16 -13.49 10.86
N HIS A 9 -14.99 -13.67 9.84
CA HIS A 9 -14.76 -13.06 8.54
C HIS A 9 -14.38 -11.59 8.68
N LEU A 10 -15.29 -10.80 9.25
CA LEU A 10 -15.04 -9.38 9.44
C LEU A 10 -13.67 -9.13 10.05
N SER A 11 -13.37 -9.87 11.12
CA SER A 11 -12.09 -9.72 11.80
C SER A 11 -10.93 -10.09 10.87
N VAL A 12 -11.16 -11.10 10.04
CA VAL A 12 -10.14 -11.55 9.09
C VAL A 12 -9.73 -10.43 8.15
N TYR A 13 -10.70 -9.89 7.42
CA TYR A 13 -10.44 -8.80 6.48
C TYR A 13 -9.73 -7.65 7.17
N ALA A 14 -10.20 -7.30 8.37
CA ALA A 14 -9.61 -6.20 9.13
C ALA A 14 -8.11 -6.41 9.32
N VAL A 15 -7.73 -7.62 9.74
CA VAL A 15 -6.33 -7.94 9.95
C VAL A 15 -5.53 -7.81 8.67
N VAL A 16 -6.12 -8.25 7.57
CA VAL A 16 -5.46 -8.18 6.26
C VAL A 16 -5.21 -6.73 5.85
N VAL A 17 -6.28 -5.94 5.78
CA VAL A 17 -6.16 -4.54 5.40
C VAL A 17 -5.10 -3.83 6.24
N ILE A 18 -5.35 -3.75 7.54
CA ILE A 18 -4.41 -3.10 8.46
C ILE A 18 -2.98 -3.54 8.18
N ALA A 19 -2.79 -4.85 8.02
CA ALA A 19 -1.47 -5.40 7.76
C ALA A 19 -0.81 -4.69 6.58
N SER A 20 -1.45 -4.75 5.42
CA SER A 20 -0.91 -4.11 4.22
C SER A 20 -0.80 -2.61 4.42
N VAL A 21 -1.80 -2.01 5.06
CA VAL A 21 -1.81 -0.58 5.31
C VAL A 21 -0.57 -0.15 6.07
N VAL A 22 -0.29 -0.83 7.18
CA VAL A 22 0.86 -0.51 8.01
C VAL A 22 2.16 -0.65 7.21
N GLY A 23 2.38 -1.83 6.65
CA GLY A 23 3.58 -2.07 5.87
C GLY A 23 3.81 -1.00 4.82
N PHE A 24 2.80 -0.74 4.01
CA PHE A 24 2.90 0.27 2.96
C PHE A 24 3.13 1.65 3.56
N CYS A 25 2.36 1.98 4.57
CA CYS A 25 2.46 3.28 5.24
C CYS A 25 3.91 3.54 5.68
N LEU A 26 4.63 2.46 5.96
CA LEU A 26 6.03 2.57 6.40
C LEU A 26 6.95 2.84 5.21
N LEU A 27 6.81 2.02 4.18
CA LEU A 27 7.63 2.18 2.97
C LEU A 27 7.33 3.50 2.27
N VAL A 28 6.07 3.93 2.34
CA VAL A 28 5.67 5.17 1.71
C VAL A 28 6.29 6.37 2.41
N MET A 29 5.93 6.57 3.68
CA MET A 29 6.45 7.69 4.46
C MET A 29 7.97 7.80 4.29
N LEU A 30 8.67 6.68 4.50
CA LEU A 30 10.12 6.66 4.37
C LEU A 30 10.56 7.16 3.00
N PHE A 31 9.79 6.81 1.97
CA PHE A 31 10.08 7.21 0.60
C PHE A 31 9.93 8.73 0.45
N LEU A 32 8.77 9.24 0.81
CA LEU A 32 8.49 10.66 0.71
C LEU A 32 9.63 11.48 1.31
N LEU A 33 10.08 11.08 2.49
CA LEU A 33 11.17 11.76 3.16
C LEU A 33 12.51 11.48 2.49
N LYS A 34 12.66 10.27 1.97
CA LYS A 34 13.88 9.86 1.30
C LYS A 34 14.24 10.85 0.19
N LEU A 35 13.27 11.12 -0.68
CA LEU A 35 13.49 12.05 -1.79
C LEU A 35 13.52 13.49 -1.30
N ALA A 36 12.77 13.77 -0.24
CA ALA A 36 12.72 15.10 0.34
C ALA A 36 14.13 15.62 0.64
N ARG A 37 14.88 14.85 1.41
CA ARG A 37 16.24 15.24 1.77
C ARG A 37 17.19 15.07 0.59
N HIS A 38 16.91 14.08 -0.26
CA HIS A 38 17.74 13.82 -1.42
C HIS A 38 17.94 15.09 -2.25
N SER A 39 16.84 15.71 -2.64
CA SER A 39 16.88 16.94 -3.43
C SER A 39 17.80 17.97 -2.78
N LYS A 40 17.78 18.00 -1.46
CA LYS A 40 18.61 18.94 -0.70
C LYS A 40 18.66 20.30 -1.40
N PHE A 41 17.51 20.75 -1.90
CA PHE A 41 17.43 22.03 -2.59
C PHE A 41 18.03 23.14 -1.74
N GLY A 42 17.80 23.07 -0.43
CA GLY A 42 18.33 24.08 0.47
C GLY A 42 19.72 23.75 0.96
N MET A 43 19.90 23.75 2.28
CA MET A 43 21.19 23.45 2.88
C MET A 43 21.02 22.68 4.18
N LYS A 44 21.89 21.69 4.40
CA LYS A 44 21.83 20.88 5.60
C LYS A 44 23.23 20.51 6.08
N GLY A 45 23.38 20.33 7.39
CA GLY A 45 24.68 19.97 7.94
C GLY A 45 24.83 20.39 9.39
N MET B 1 -2.61 -33.05 16.63
CA MET B 1 -2.73 -31.85 15.81
C MET B 1 -1.67 -31.84 14.71
N THR B 2 -1.93 -32.59 13.64
CA THR B 2 -0.99 -32.66 12.52
C THR B 2 -1.39 -31.70 11.41
N ASP B 3 -0.45 -30.86 10.99
CA ASP B 3 -0.71 -29.90 9.92
C ASP B 3 -1.00 -30.60 8.61
N LYS B 4 -1.76 -29.94 7.73
CA LYS B 4 -2.12 -30.51 6.45
C LYS B 4 -1.63 -29.61 5.30
N THR B 5 -1.88 -30.04 4.07
CA THR B 5 -1.47 -29.27 2.90
C THR B 5 -2.68 -28.71 2.15
N GLY B 6 -2.61 -27.43 1.82
CA GLY B 6 -3.70 -26.79 1.11
C GLY B 6 -3.23 -25.71 0.16
N ARG B 7 -3.35 -25.97 -1.14
CA ARG B 7 -2.93 -25.00 -2.15
C ARG B 7 -3.75 -23.72 -2.06
N GLU B 8 -5.01 -23.87 -1.69
CA GLU B 8 -5.91 -22.71 -1.57
C GLU B 8 -5.27 -21.61 -0.74
N HIS B 9 -4.72 -21.98 0.42
CA HIS B 9 -4.08 -21.02 1.30
C HIS B 9 -3.13 -20.12 0.52
N LEU B 10 -2.11 -20.72 -0.10
CA LEU B 10 -1.14 -19.97 -0.88
C LEU B 10 -1.82 -18.99 -1.82
N SER B 11 -2.82 -19.48 -2.56
CA SER B 11 -3.56 -18.64 -3.49
C SER B 11 -4.28 -17.51 -2.76
N VAL B 12 -4.79 -17.82 -1.58
CA VAL B 12 -5.51 -16.82 -0.78
C VAL B 12 -4.61 -15.63 -0.47
N TYR B 13 -3.49 -15.89 0.18
CA TYR B 13 -2.54 -14.84 0.54
C TYR B 13 -2.15 -14.02 -0.69
N ALA B 14 -1.87 -14.71 -1.78
CA ALA B 14 -1.47 -14.06 -3.02
C ALA B 14 -2.50 -13.01 -3.44
N VAL B 15 -3.78 -13.41 -3.43
CA VAL B 15 -4.86 -12.51 -3.80
C VAL B 15 -4.91 -11.29 -2.89
N VAL B 16 -4.69 -11.53 -1.60
CA VAL B 16 -4.72 -10.45 -0.61
C VAL B 16 -3.60 -9.45 -0.86
N VAL B 17 -2.36 -9.92 -0.87
CA VAL B 17 -1.21 -9.07 -1.11
C VAL B 17 -1.40 -8.23 -2.37
N ILE B 18 -1.50 -8.90 -3.51
CA ILE B 18 -1.69 -8.22 -4.78
C ILE B 18 -2.77 -7.15 -4.69
N ALA B 19 -3.89 -7.52 -4.07
CA ALA B 19 -5.01 -6.60 -3.91
C ALA B 19 -4.55 -5.29 -3.28
N SER B 20 -3.98 -5.38 -2.08
CA SER B 20 -3.50 -4.19 -1.37
C SER B 20 -2.39 -3.50 -2.16
N VAL B 21 -1.51 -4.30 -2.75
CA VAL B 21 -0.39 -3.77 -3.53
C VAL B 21 -0.90 -2.87 -4.66
N VAL B 22 -1.84 -3.39 -5.44
CA VAL B 22 -2.41 -2.64 -6.55
C VAL B 22 -3.05 -1.35 -6.08
N GLY B 23 -4.01 -1.47 -5.15
CA GLY B 23 -4.69 -0.31 -4.62
C GLY B 23 -3.72 0.77 -4.17
N PHE B 24 -2.78 0.38 -3.31
CA PHE B 24 -1.80 1.33 -2.79
C PHE B 24 -0.93 1.89 -3.92
N CYS B 25 -0.46 1.01 -4.80
CA CYS B 25 0.37 1.42 -5.92
C CYS B 25 -0.31 2.52 -6.74
N LEU B 26 -1.64 2.52 -6.72
CA LEU B 26 -2.41 3.52 -7.46
C LEU B 26 -2.44 4.84 -6.71
N LEU B 27 -2.78 4.79 -5.42
CA LEU B 27 -2.85 5.98 -4.59
C LEU B 27 -1.47 6.60 -4.43
N VAL B 28 -0.44 5.75 -4.37
CA VAL B 28 0.93 6.22 -4.22
C VAL B 28 1.40 6.98 -5.45
N MET B 29 1.48 6.27 -6.58
CA MET B 29 1.91 6.89 -7.83
C MET B 29 1.20 8.22 -8.05
N LEU B 30 -0.12 8.21 -7.95
CA LEU B 30 -0.91 9.42 -8.14
C LEU B 30 -0.46 10.53 -7.21
N PHE B 31 -0.09 10.15 -5.98
CA PHE B 31 0.38 11.11 -4.99
C PHE B 31 1.71 11.73 -5.41
N LEU B 32 2.69 10.88 -5.67
CA LEU B 32 4.01 11.33 -6.09
C LEU B 32 3.91 12.37 -7.19
N LEU B 33 3.07 12.09 -8.18
CA LEU B 33 2.87 13.00 -9.30
C LEU B 33 2.05 14.22 -8.88
N LYS B 34 1.11 14.01 -7.97
CA LYS B 34 0.26 15.08 -7.49
C LYS B 34 1.10 16.24 -6.95
N LEU B 35 2.04 15.93 -6.07
CA LEU B 35 2.91 16.94 -5.49
C LEU B 35 3.94 17.41 -6.50
N ALA B 36 4.34 16.52 -7.40
CA ALA B 36 5.32 16.85 -8.43
C ALA B 36 4.90 18.08 -9.22
N ARG B 37 3.69 18.05 -9.76
CA ARG B 37 3.17 19.17 -10.54
C ARG B 37 2.78 20.33 -9.64
N HIS B 38 2.32 19.99 -8.42
CA HIS B 38 1.91 21.00 -7.45
C HIS B 38 3.00 22.05 -7.27
N SER B 39 4.21 21.59 -6.95
CA SER B 39 5.33 22.49 -6.74
C SER B 39 5.51 23.44 -7.93
N LYS B 40 5.23 22.92 -9.13
CA LYS B 40 5.35 23.72 -10.34
C LYS B 40 6.58 24.63 -10.27
N PHE B 41 7.68 24.09 -9.78
CA PHE B 41 8.92 24.86 -9.66
C PHE B 41 9.29 25.51 -10.99
N GLY B 42 9.05 24.79 -12.08
CA GLY B 42 9.35 25.33 -13.41
C GLY B 42 8.19 26.09 -14.01
N MET B 43 7.76 25.68 -15.19
CA MET B 43 6.66 26.34 -15.87
C MET B 43 5.78 25.32 -16.60
N LYS B 44 4.47 25.53 -16.54
CA LYS B 44 3.52 24.63 -17.19
C LYS B 44 2.33 25.40 -17.73
N GLY B 45 1.73 24.88 -18.81
CA GLY B 45 0.58 25.53 -19.40
C GLY B 45 0.41 25.19 -20.87
N MET A 1 -21.52 -17.11 -7.07
CA MET A 1 -22.11 -17.55 -5.81
C MET A 1 -21.04 -17.80 -4.76
N THR A 2 -20.98 -16.93 -3.75
CA THR A 2 -20.00 -17.06 -2.68
C THR A 2 -20.69 -17.28 -1.34
N ASP A 3 -20.93 -18.54 -1.02
CA ASP A 3 -21.59 -18.89 0.24
C ASP A 3 -20.67 -19.77 1.09
N LYS A 4 -20.52 -19.41 2.36
CA LYS A 4 -19.67 -20.15 3.28
C LYS A 4 -20.12 -19.95 4.72
N THR A 5 -19.53 -20.72 5.64
CA THR A 5 -19.88 -20.63 7.04
C THR A 5 -18.63 -20.43 7.90
N GLY A 6 -18.76 -19.61 8.94
CA GLY A 6 -17.63 -19.34 9.82
C GLY A 6 -17.18 -17.90 9.77
N ARG A 7 -16.59 -17.42 10.87
CA ARG A 7 -16.11 -16.05 10.95
C ARG A 7 -14.60 -15.98 10.79
N GLU A 8 -14.07 -16.83 9.92
CA GLU A 8 -12.63 -16.87 9.67
C GLU A 8 -12.24 -15.92 8.55
N HIS A 9 -12.92 -16.04 7.42
CA HIS A 9 -12.65 -15.20 6.27
C HIS A 9 -12.54 -13.73 6.68
N LEU A 10 -13.62 -13.20 7.23
CA LEU A 10 -13.64 -11.81 7.67
C LEU A 10 -12.40 -11.48 8.50
N SER A 11 -12.11 -12.32 9.48
CA SER A 11 -10.95 -12.10 10.34
C SER A 11 -9.66 -12.13 9.52
N VAL A 12 -9.63 -12.99 8.51
CA VAL A 12 -8.45 -13.11 7.65
C VAL A 12 -8.17 -11.81 6.91
N TYR A 13 -9.15 -11.35 6.12
CA TYR A 13 -9.00 -10.11 5.37
C TYR A 13 -8.57 -8.97 6.28
N ALA A 14 -9.18 -8.88 7.45
CA ALA A 14 -8.85 -7.83 8.41
C ALA A 14 -7.37 -7.88 8.78
N VAL A 15 -6.83 -9.07 8.91
CA VAL A 15 -5.42 -9.25 9.25
C VAL A 15 -4.51 -8.77 8.13
N VAL A 16 -4.76 -9.27 6.92
CA VAL A 16 -3.96 -8.89 5.77
C VAL A 16 -4.07 -7.39 5.49
N VAL A 17 -5.30 -6.90 5.43
CA VAL A 17 -5.55 -5.48 5.18
C VAL A 17 -4.74 -4.61 6.13
N ILE A 18 -5.00 -4.76 7.42
CA ILE A 18 -4.30 -3.99 8.44
C ILE A 18 -2.79 -3.99 8.20
N ALA A 19 -2.23 -5.20 8.08
CA ALA A 19 -0.79 -5.34 7.84
C ALA A 19 -0.35 -4.50 6.66
N SER A 20 -1.00 -4.67 5.53
CA SER A 20 -0.67 -3.92 4.32
C SER A 20 -0.78 -2.41 4.56
N VAL A 21 -1.79 -2.03 5.33
CA VAL A 21 -2.02 -0.63 5.64
C VAL A 21 -0.82 -0.03 6.39
N VAL A 22 -0.44 -0.65 7.49
CA VAL A 22 0.68 -0.18 8.28
C VAL A 22 1.96 -0.10 7.44
N GLY A 23 2.39 -1.25 6.94
CA GLY A 23 3.59 -1.30 6.12
C GLY A 23 3.55 -0.29 4.98
N PHE A 24 2.37 -0.02 4.47
CA PHE A 24 2.20 0.93 3.38
C PHE A 24 2.50 2.35 3.83
N CYS A 25 1.91 2.74 4.95
CA CYS A 25 2.13 4.08 5.50
C CYS A 25 3.59 4.28 5.90
N LEU A 26 4.27 3.18 6.18
CA LEU A 26 5.68 3.24 6.58
C LEU A 26 6.57 3.53 5.37
N LEU A 27 6.52 2.64 4.38
CA LEU A 27 7.32 2.80 3.16
C LEU A 27 7.12 4.19 2.56
N VAL A 28 5.88 4.68 2.62
CA VAL A 28 5.56 6.00 2.08
C VAL A 28 6.32 7.09 2.81
N MET A 29 6.04 7.25 4.10
CA MET A 29 6.71 8.27 4.91
C MET A 29 8.21 8.26 4.68
N LEU A 30 8.82 7.10 4.89
CA LEU A 30 10.27 6.96 4.69
C LEU A 30 10.68 7.39 3.30
N PHE A 31 9.79 7.19 2.33
CA PHE A 31 10.06 7.57 0.95
C PHE A 31 9.99 9.08 0.77
N LEU A 32 8.88 9.67 1.21
CA LEU A 32 8.69 11.11 1.09
C LEU A 32 9.91 11.86 1.62
N LEU A 33 10.42 11.41 2.77
CA LEU A 33 11.59 12.04 3.38
C LEU A 33 12.86 11.67 2.64
N LYS A 34 12.90 10.44 2.13
CA LYS A 34 14.07 9.96 1.38
C LYS A 34 14.41 10.91 0.24
N LEU A 35 13.42 11.22 -0.58
CA LEU A 35 13.61 12.12 -1.72
C LEU A 35 13.71 13.57 -1.25
N ALA A 36 13.04 13.88 -0.14
CA ALA A 36 13.07 15.23 0.41
C ALA A 36 14.49 15.71 0.64
N ARG A 37 15.30 14.88 1.30
CA ARG A 37 16.69 15.22 1.57
C ARG A 37 17.57 14.98 0.35
N HIS A 38 17.19 13.99 -0.45
CA HIS A 38 17.95 13.66 -1.65
C HIS A 38 17.89 14.78 -2.67
N SER A 39 16.76 15.49 -2.68
CA SER A 39 16.56 16.60 -3.61
C SER A 39 17.45 17.78 -3.23
N LYS A 40 17.68 17.96 -1.94
CA LYS A 40 18.50 19.05 -1.44
C LYS A 40 17.97 20.40 -1.93
N PHE A 41 16.65 20.55 -1.91
CA PHE A 41 16.02 21.79 -2.35
C PHE A 41 16.01 22.82 -1.22
N GLY A 42 15.89 22.34 0.00
CA GLY A 42 15.87 23.24 1.15
C GLY A 42 17.24 23.85 1.42
N MET A 43 18.29 23.08 1.16
CA MET A 43 19.65 23.55 1.39
C MET A 43 20.11 24.45 0.24
N LYS A 44 20.31 23.85 -0.93
CA LYS A 44 20.75 24.60 -2.10
C LYS A 44 19.66 24.63 -3.17
N GLY A 45 19.69 25.66 -4.01
CA GLY A 45 18.70 25.77 -5.06
C GLY A 45 17.64 26.81 -4.73
N MET B 1 -22.09 -28.38 11.64
CA MET B 1 -20.73 -28.79 11.36
C MET B 1 -20.53 -29.04 9.88
N THR B 2 -19.73 -28.20 9.23
CA THR B 2 -19.46 -28.34 7.81
C THR B 2 -18.00 -28.72 7.56
N ASP B 3 -17.76 -30.00 7.32
CA ASP B 3 -16.41 -30.49 7.07
C ASP B 3 -16.11 -30.53 5.58
N LYS B 4 -14.97 -29.96 5.19
CA LYS B 4 -14.57 -29.91 3.79
C LYS B 4 -13.05 -30.02 3.66
N THR B 5 -12.57 -30.05 2.42
CA THR B 5 -11.15 -30.16 2.15
C THR B 5 -10.68 -29.04 1.22
N GLY B 6 -9.43 -28.61 1.41
CA GLY B 6 -8.89 -27.55 0.58
C GLY B 6 -8.26 -26.44 1.40
N ARG B 7 -7.29 -25.74 0.80
CA ARG B 7 -6.61 -24.65 1.48
C ARG B 7 -7.07 -23.30 0.94
N GLU B 8 -8.04 -22.69 1.61
CA GLU B 8 -8.55 -21.39 1.20
C GLU B 8 -7.74 -20.25 1.79
N HIS B 9 -7.26 -20.45 3.02
CA HIS B 9 -6.46 -19.45 3.70
C HIS B 9 -5.42 -18.83 2.76
N LEU B 10 -4.50 -19.67 2.29
CA LEU B 10 -3.46 -19.21 1.38
C LEU B 10 -4.05 -18.38 0.24
N SER B 11 -5.09 -18.90 -0.39
CA SER B 11 -5.74 -18.22 -1.49
C SER B 11 -6.30 -16.87 -1.04
N VAL B 12 -6.78 -16.82 0.20
CA VAL B 12 -7.33 -15.60 0.76
C VAL B 12 -6.28 -14.50 0.84
N TYR B 13 -5.20 -14.78 1.57
CA TYR B 13 -4.12 -13.81 1.73
C TYR B 13 -3.64 -13.31 0.38
N ALA B 14 -3.50 -14.23 -0.57
CA ALA B 14 -3.04 -13.87 -1.92
C ALA B 14 -3.96 -12.84 -2.56
N VAL B 15 -5.26 -12.99 -2.30
CA VAL B 15 -6.25 -12.08 -2.86
C VAL B 15 -6.13 -10.69 -2.25
N VAL B 16 -6.12 -10.64 -0.92
CA VAL B 16 -6.00 -9.36 -0.21
C VAL B 16 -4.68 -8.69 -0.52
N VAL B 17 -3.59 -9.44 -0.41
CA VAL B 17 -2.26 -8.90 -0.69
C VAL B 17 -2.21 -8.23 -2.05
N ILE B 18 -2.48 -9.01 -3.10
CA ILE B 18 -2.46 -8.49 -4.46
C ILE B 18 -3.25 -7.19 -4.57
N ALA B 19 -4.51 -7.23 -4.11
CA ALA B 19 -5.37 -6.05 -4.15
C ALA B 19 -4.67 -4.85 -3.52
N SER B 20 -4.21 -5.01 -2.29
CA SER B 20 -3.53 -3.93 -1.58
C SER B 20 -2.31 -3.46 -2.35
N VAL B 21 -1.61 -4.40 -2.98
CA VAL B 21 -0.42 -4.08 -3.77
C VAL B 21 -0.75 -3.14 -4.91
N VAL B 22 -1.71 -3.54 -5.74
CA VAL B 22 -2.13 -2.74 -6.88
C VAL B 22 -2.58 -1.35 -6.44
N GLY B 23 -3.63 -1.31 -5.63
CA GLY B 23 -4.14 -0.04 -5.15
C GLY B 23 -3.07 0.82 -4.51
N PHE B 24 -2.09 0.18 -3.91
CA PHE B 24 -0.99 0.89 -3.26
C PHE B 24 -0.11 1.59 -4.30
N CYS B 25 0.28 0.85 -5.33
CA CYS B 25 1.13 1.40 -6.38
C CYS B 25 0.40 2.52 -7.13
N LEU B 26 -0.92 2.47 -7.11
CA LEU B 26 -1.73 3.47 -7.79
C LEU B 26 -1.73 4.79 -7.03
N LEU B 27 -2.20 4.75 -5.79
CA LEU B 27 -2.24 5.94 -4.94
C LEU B 27 -0.88 6.63 -4.90
N VAL B 28 0.18 5.83 -4.87
CA VAL B 28 1.54 6.35 -4.84
C VAL B 28 1.84 7.18 -6.09
N MET B 29 1.86 6.51 -7.24
CA MET B 29 2.13 7.17 -8.51
C MET B 29 1.34 8.47 -8.62
N LEU B 30 0.02 8.37 -8.49
CA LEU B 30 -0.85 9.54 -8.58
C LEU B 30 -0.42 10.62 -7.60
N PHE B 31 0.11 10.19 -6.46
CA PHE B 31 0.57 11.12 -5.44
C PHE B 31 1.87 11.80 -5.85
N LEU B 32 2.86 11.00 -6.21
CA LEU B 32 4.15 11.53 -6.64
C LEU B 32 3.98 12.64 -7.67
N LEU B 33 3.10 12.39 -8.64
CA LEU B 33 2.84 13.37 -9.70
C LEU B 33 2.00 14.52 -9.18
N LYS B 34 1.10 14.22 -8.24
CA LYS B 34 0.23 15.23 -7.65
C LYS B 34 1.05 16.38 -7.08
N LEU B 35 2.03 16.05 -6.24
CA LEU B 35 2.88 17.06 -5.62
C LEU B 35 3.92 17.57 -6.62
N ALA B 36 4.28 16.73 -7.58
CA ALA B 36 5.25 17.10 -8.61
C ALA B 36 4.83 18.38 -9.32
N ARG B 37 3.59 18.42 -9.78
CA ARG B 37 3.05 19.58 -10.48
C ARG B 37 2.63 20.66 -9.50
N HIS B 38 2.17 20.25 -8.34
CA HIS B 38 1.73 21.19 -7.30
C HIS B 38 2.89 22.03 -6.80
N SER B 39 4.08 21.44 -6.78
CA SER B 39 5.28 22.14 -6.33
C SER B 39 5.62 23.30 -7.25
N LYS B 40 5.37 23.11 -8.54
CA LYS B 40 5.65 24.15 -9.54
C LYS B 40 7.11 24.57 -9.49
N PHE B 41 7.99 23.60 -9.28
CA PHE B 41 9.43 23.87 -9.21
C PHE B 41 10.07 23.75 -10.58
N GLY B 42 9.54 22.86 -11.40
CA GLY B 42 10.08 22.66 -12.74
C GLY B 42 9.72 23.80 -13.68
N MET B 43 8.54 24.37 -13.49
CA MET B 43 8.08 25.46 -14.34
C MET B 43 8.76 26.78 -13.93
N LYS B 44 8.41 27.27 -12.74
CA LYS B 44 8.98 28.52 -12.25
C LYS B 44 9.89 28.25 -11.05
N GLY B 45 10.84 29.15 -10.82
CA GLY B 45 11.75 29.00 -9.70
C GLY B 45 13.15 28.60 -10.15
N MET A 1 -12.77 -21.28 -4.88
CA MET A 1 -14.06 -21.20 -5.56
C MET A 1 -15.09 -22.11 -4.90
N THR A 2 -14.62 -23.26 -4.41
CA THR A 2 -15.50 -24.22 -3.76
C THR A 2 -16.23 -23.59 -2.57
N ASP A 3 -17.33 -24.21 -2.17
CA ASP A 3 -18.11 -23.71 -1.04
C ASP A 3 -17.28 -23.70 0.24
N LYS A 4 -17.68 -22.87 1.19
CA LYS A 4 -16.97 -22.76 2.46
C LYS A 4 -17.85 -22.12 3.52
N THR A 5 -17.38 -22.14 4.77
CA THR A 5 -18.13 -21.56 5.88
C THR A 5 -17.21 -21.24 7.05
N GLY A 6 -17.72 -20.46 8.00
CA GLY A 6 -16.93 -20.10 9.16
C GLY A 6 -16.66 -18.60 9.23
N ARG A 7 -16.24 -18.14 10.40
CA ARG A 7 -15.96 -16.72 10.61
C ARG A 7 -14.44 -16.47 10.57
N GLU A 8 -13.73 -17.29 9.82
CA GLU A 8 -12.28 -17.16 9.71
C GLU A 8 -11.91 -16.25 8.54
N HIS A 9 -12.55 -16.47 7.39
CA HIS A 9 -12.29 -15.67 6.20
C HIS A 9 -12.30 -14.18 6.54
N LEU A 10 -13.45 -13.70 7.02
CA LEU A 10 -13.59 -12.30 7.38
C LEU A 10 -12.41 -11.82 8.22
N SER A 11 -12.07 -12.59 9.25
CA SER A 11 -10.96 -12.24 10.13
C SER A 11 -9.64 -12.22 9.36
N VAL A 12 -9.51 -13.13 8.40
CA VAL A 12 -8.31 -13.21 7.58
C VAL A 12 -8.09 -11.93 6.78
N TYR A 13 -9.07 -11.59 5.94
CA TYR A 13 -8.98 -10.39 5.13
C TYR A 13 -8.68 -9.17 5.97
N ALA A 14 -9.28 -9.12 7.15
CA ALA A 14 -9.07 -8.00 8.07
C ALA A 14 -7.62 -7.92 8.52
N VAL A 15 -7.03 -9.08 8.82
CA VAL A 15 -5.65 -9.15 9.26
C VAL A 15 -4.70 -8.67 8.17
N VAL A 16 -4.89 -9.18 6.95
CA VAL A 16 -4.06 -8.82 5.81
C VAL A 16 -4.14 -7.32 5.54
N VAL A 17 -5.36 -6.79 5.51
CA VAL A 17 -5.59 -5.38 5.25
C VAL A 17 -4.77 -4.52 6.22
N ILE A 18 -5.02 -4.69 7.51
CA ILE A 18 -4.31 -3.93 8.53
C ILE A 18 -2.81 -3.96 8.30
N ALA A 19 -2.25 -5.15 8.14
CA ALA A 19 -0.83 -5.32 7.91
C ALA A 19 -0.36 -4.47 6.73
N SER A 20 -1.02 -4.65 5.58
CA SER A 20 -0.68 -3.91 4.38
C SER A 20 -0.78 -2.41 4.62
N VAL A 21 -1.78 -2.00 5.38
CA VAL A 21 -1.99 -0.60 5.70
C VAL A 21 -0.78 -0.01 6.41
N VAL A 22 -0.39 -0.63 7.52
CA VAL A 22 0.76 -0.17 8.30
C VAL A 22 2.01 -0.12 7.45
N GLY A 23 2.42 -1.28 6.93
CA GLY A 23 3.61 -1.34 6.10
C GLY A 23 3.58 -0.34 4.97
N PHE A 24 2.39 -0.06 4.47
CA PHE A 24 2.22 0.89 3.37
C PHE A 24 2.55 2.31 3.83
N CYS A 25 1.98 2.71 4.96
CA CYS A 25 2.20 4.04 5.51
C CYS A 25 3.67 4.24 5.87
N LEU A 26 4.35 3.15 6.16
CA LEU A 26 5.76 3.19 6.52
C LEU A 26 6.64 3.47 5.30
N LEU A 27 6.57 2.58 4.32
CA LEU A 27 7.35 2.73 3.10
C LEU A 27 7.15 4.12 2.49
N VAL A 28 5.93 4.62 2.57
CA VAL A 28 5.60 5.94 2.03
C VAL A 28 6.40 7.04 2.75
N MET A 29 6.13 7.20 4.04
CA MET A 29 6.81 8.20 4.84
C MET A 29 8.32 8.18 4.58
N LEU A 30 8.92 7.02 4.78
CA LEU A 30 10.36 6.86 4.57
C LEU A 30 10.75 7.34 3.17
N PHE A 31 9.87 7.14 2.21
CA PHE A 31 10.13 7.55 0.83
C PHE A 31 10.07 9.08 0.70
N LEU A 32 8.98 9.66 1.17
CA LEU A 32 8.80 11.11 1.11
C LEU A 32 10.03 11.84 1.62
N LEU A 33 10.52 11.41 2.78
CA LEU A 33 11.71 12.00 3.39
C LEU A 33 12.96 11.65 2.59
N LYS A 34 13.01 10.43 2.09
CA LYS A 34 14.16 9.97 1.32
C LYS A 34 14.49 10.96 0.20
N LEU A 35 13.50 11.23 -0.65
CA LEU A 35 13.69 12.16 -1.76
C LEU A 35 13.72 13.60 -1.27
N ALA A 36 13.02 13.85 -0.17
CA ALA A 36 12.95 15.19 0.41
C ALA A 36 14.35 15.76 0.60
N ARG A 37 15.22 15.00 1.24
CA ARG A 37 16.60 15.43 1.48
C ARG A 37 17.47 15.20 0.25
N HIS A 38 17.16 14.16 -0.50
CA HIS A 38 17.91 13.83 -1.71
C HIS A 38 18.03 15.04 -2.62
N SER A 39 16.95 15.81 -2.71
CA SER A 39 16.93 17.00 -3.56
C SER A 39 17.79 18.10 -2.96
N LYS A 40 17.88 18.13 -1.63
CA LYS A 40 18.68 19.14 -0.94
C LYS A 40 18.58 20.50 -1.65
N PHE A 41 17.36 20.86 -2.03
CA PHE A 41 17.13 22.13 -2.72
C PHE A 41 16.80 23.23 -1.70
N GLY A 42 17.80 24.04 -1.38
CA GLY A 42 17.61 25.12 -0.43
C GLY A 42 18.88 25.49 0.31
N MET A 43 19.71 24.48 0.59
CA MET A 43 20.96 24.71 1.30
C MET A 43 22.11 24.87 0.32
N LYS A 44 22.34 23.86 -0.51
CA LYS A 44 23.41 23.90 -1.50
C LYS A 44 23.03 24.80 -2.68
N GLY A 45 21.96 24.43 -3.36
CA GLY A 45 21.51 25.21 -4.50
C GLY A 45 20.81 24.36 -5.54
N MET B 1 -23.96 -27.96 3.83
CA MET B 1 -23.92 -28.90 4.95
C MET B 1 -22.92 -30.02 4.68
N THR B 2 -22.82 -30.42 3.42
CA THR B 2 -21.90 -31.48 3.03
C THR B 2 -20.47 -31.14 3.41
N ASP B 3 -19.62 -32.16 3.52
CA ASP B 3 -18.22 -31.97 3.88
C ASP B 3 -17.51 -31.10 2.85
N LYS B 4 -16.43 -30.46 3.27
CA LYS B 4 -15.65 -29.59 2.39
C LYS B 4 -14.25 -29.37 2.95
N THR B 5 -13.35 -28.89 2.09
CA THR B 5 -11.97 -28.63 2.50
C THR B 5 -11.21 -27.91 1.39
N GLY B 6 -9.94 -27.60 1.66
CA GLY B 6 -9.13 -26.91 0.68
C GLY B 6 -8.26 -25.83 1.30
N ARG B 7 -7.37 -25.26 0.50
CA ARG B 7 -6.49 -24.20 0.98
C ARG B 7 -7.09 -22.83 0.72
N GLU B 8 -8.27 -22.58 1.29
CA GLU B 8 -8.96 -21.31 1.12
C GLU B 8 -8.19 -20.17 1.80
N HIS B 9 -7.79 -20.40 3.05
CA HIS B 9 -7.06 -19.41 3.81
C HIS B 9 -5.90 -18.83 2.98
N LEU B 10 -4.96 -19.70 2.62
CA LEU B 10 -3.81 -19.28 1.82
C LEU B 10 -4.25 -18.43 0.63
N SER B 11 -5.27 -18.90 -0.09
CA SER B 11 -5.77 -18.18 -1.24
C SER B 11 -6.33 -16.81 -0.83
N VAL B 12 -6.95 -16.76 0.34
CA VAL B 12 -7.53 -15.52 0.84
C VAL B 12 -6.45 -14.46 1.03
N TYR B 13 -5.44 -14.78 1.83
CA TYR B 13 -4.35 -13.84 2.08
C TYR B 13 -3.70 -13.38 0.78
N ALA B 14 -3.59 -14.30 -0.17
CA ALA B 14 -2.99 -13.99 -1.47
C ALA B 14 -3.83 -12.97 -2.23
N VAL B 15 -5.14 -13.13 -2.15
CA VAL B 15 -6.05 -12.22 -2.84
C VAL B 15 -5.96 -10.81 -2.26
N VAL B 16 -6.01 -10.72 -0.94
CA VAL B 16 -5.94 -9.43 -0.26
C VAL B 16 -4.62 -8.72 -0.57
N VAL B 17 -3.52 -9.46 -0.47
CA VAL B 17 -2.20 -8.91 -0.75
C VAL B 17 -2.15 -8.25 -2.12
N ILE B 18 -2.44 -9.04 -3.16
CA ILE B 18 -2.43 -8.54 -4.53
C ILE B 18 -3.23 -7.24 -4.64
N ALA B 19 -4.47 -7.28 -4.17
CA ALA B 19 -5.34 -6.11 -4.21
C ALA B 19 -4.65 -4.89 -3.59
N SER B 20 -4.20 -5.05 -2.36
CA SER B 20 -3.53 -3.96 -1.65
C SER B 20 -2.31 -3.47 -2.42
N VAL B 21 -1.59 -4.40 -3.05
CA VAL B 21 -0.42 -4.07 -3.82
C VAL B 21 -0.76 -3.12 -4.97
N VAL B 22 -1.72 -3.51 -5.79
CA VAL B 22 -2.14 -2.70 -6.92
C VAL B 22 -2.61 -1.32 -6.46
N GLY B 23 -3.65 -1.31 -5.64
CA GLY B 23 -4.19 -0.05 -5.14
C GLY B 23 -3.11 0.82 -4.51
N PHE B 24 -2.11 0.19 -3.90
CA PHE B 24 -1.03 0.90 -3.26
C PHE B 24 -0.16 1.61 -4.30
N CYS B 25 0.23 0.88 -5.34
CA CYS B 25 1.07 1.44 -6.39
C CYS B 25 0.34 2.56 -7.12
N LEU B 26 -0.98 2.52 -7.09
CA LEU B 26 -1.80 3.53 -7.76
C LEU B 26 -1.79 4.84 -6.98
N LEU B 27 -2.25 4.78 -5.73
CA LEU B 27 -2.30 5.96 -4.87
C LEU B 27 -0.93 6.65 -4.83
N VAL B 28 0.13 5.85 -4.82
CA VAL B 28 1.48 6.39 -4.79
C VAL B 28 1.77 7.22 -6.04
N MET B 29 1.77 6.57 -7.19
CA MET B 29 2.04 7.26 -8.46
C MET B 29 1.24 8.56 -8.54
N LEU B 30 -0.08 8.46 -8.39
CA LEU B 30 -0.94 9.62 -8.45
C LEU B 30 -0.47 10.71 -7.49
N PHE B 31 0.07 10.29 -6.35
CA PHE B 31 0.57 11.22 -5.34
C PHE B 31 1.85 11.90 -5.82
N LEU B 32 2.82 11.09 -6.21
CA LEU B 32 4.10 11.61 -6.69
C LEU B 32 3.90 12.72 -7.71
N LEU B 33 3.02 12.47 -8.68
CA LEU B 33 2.74 13.46 -9.72
C LEU B 33 1.93 14.62 -9.16
N LYS B 34 1.03 14.31 -8.23
CA LYS B 34 0.20 15.34 -7.61
C LYS B 34 1.06 16.48 -7.08
N LEU B 35 2.00 16.15 -6.21
CA LEU B 35 2.89 17.15 -5.63
C LEU B 35 3.93 17.61 -6.63
N ALA B 36 4.29 16.72 -7.56
CA ALA B 36 5.27 17.04 -8.59
C ALA B 36 4.92 18.34 -9.29
N ARG B 37 3.68 18.46 -9.74
CA ARG B 37 3.22 19.66 -10.45
C ARG B 37 2.83 20.75 -9.45
N HIS B 38 2.32 20.33 -8.29
CA HIS B 38 1.90 21.27 -7.26
C HIS B 38 3.04 22.25 -6.93
N SER B 39 4.27 21.74 -6.94
CA SER B 39 5.42 22.58 -6.64
C SER B 39 5.64 23.63 -7.72
N LYS B 40 5.24 23.30 -8.94
CA LYS B 40 5.39 24.21 -10.07
C LYS B 40 6.82 24.73 -10.17
N PHE B 41 7.78 23.85 -9.93
CA PHE B 41 9.19 24.21 -10.00
C PHE B 41 9.75 23.98 -11.40
N GLY B 42 9.80 25.06 -12.18
CA GLY B 42 10.32 24.95 -13.54
C GLY B 42 9.68 25.96 -14.48
N MET B 43 8.41 26.26 -14.25
CA MET B 43 7.69 27.20 -15.09
C MET B 43 7.76 28.61 -14.49
N LYS B 44 7.27 28.75 -13.26
CA LYS B 44 7.28 30.03 -12.57
C LYS B 44 8.67 30.37 -12.06
N GLY B 45 9.21 29.52 -11.19
CA GLY B 45 10.53 29.75 -10.64
C GLY B 45 10.69 29.18 -9.25
N MET A 1 -17.14 -10.50 -0.75
CA MET A 1 -17.63 -11.78 -1.26
C MET A 1 -18.07 -12.68 -0.11
N THR A 2 -17.16 -12.94 0.82
CA THR A 2 -17.44 -13.80 1.96
C THR A 2 -17.90 -12.97 3.17
N ASP A 3 -19.13 -12.48 3.11
CA ASP A 3 -19.68 -11.68 4.19
C ASP A 3 -20.90 -12.36 4.81
N LYS A 4 -21.73 -12.95 3.97
CA LYS A 4 -22.94 -13.65 4.43
C LYS A 4 -22.59 -14.66 5.51
N THR A 5 -21.50 -15.40 5.31
CA THR A 5 -21.07 -16.40 6.28
C THR A 5 -19.54 -16.51 6.31
N GLY A 6 -19.02 -17.27 7.27
CA GLY A 6 -17.59 -17.44 7.39
C GLY A 6 -17.13 -17.49 8.83
N ARG A 7 -15.86 -17.83 9.03
CA ARG A 7 -15.29 -17.91 10.38
C ARG A 7 -13.92 -17.25 10.43
N GLU A 8 -12.91 -17.94 9.90
CA GLU A 8 -11.55 -17.43 9.89
C GLU A 8 -11.33 -16.51 8.70
N HIS A 9 -11.99 -16.82 7.59
CA HIS A 9 -11.87 -16.01 6.38
C HIS A 9 -11.94 -14.52 6.70
N LEU A 10 -13.06 -14.09 7.25
CA LEU A 10 -13.25 -12.68 7.61
C LEU A 10 -12.05 -12.15 8.37
N SER A 11 -11.65 -12.86 9.43
CA SER A 11 -10.52 -12.46 10.25
C SER A 11 -9.26 -12.35 9.40
N VAL A 12 -9.09 -13.29 8.46
CA VAL A 12 -7.93 -13.30 7.59
C VAL A 12 -7.82 -12.00 6.80
N TYR A 13 -8.85 -11.69 6.03
CA TYR A 13 -8.87 -10.48 5.22
C TYR A 13 -8.56 -9.26 6.08
N ALA A 14 -9.13 -9.22 7.28
CA ALA A 14 -8.92 -8.12 8.20
C ALA A 14 -7.45 -8.02 8.63
N VAL A 15 -6.82 -9.18 8.82
CA VAL A 15 -5.43 -9.22 9.22
C VAL A 15 -4.52 -8.73 8.11
N VAL A 16 -4.72 -9.26 6.90
CA VAL A 16 -3.92 -8.86 5.75
C VAL A 16 -4.03 -7.37 5.48
N VAL A 17 -5.25 -6.87 5.44
CA VAL A 17 -5.50 -5.46 5.20
C VAL A 17 -4.70 -4.58 6.17
N ILE A 18 -4.95 -4.76 7.45
CA ILE A 18 -4.25 -3.99 8.48
C ILE A 18 -2.74 -4.00 8.24
N ALA A 19 -2.17 -5.20 8.09
CA ALA A 19 -0.74 -5.33 7.85
C ALA A 19 -0.30 -4.48 6.67
N SER A 20 -0.95 -4.67 5.52
CA SER A 20 -0.62 -3.91 4.32
C SER A 20 -0.73 -2.41 4.57
N VAL A 21 -1.75 -2.03 5.35
CA VAL A 21 -1.97 -0.62 5.66
C VAL A 21 -0.77 -0.03 6.38
N VAL A 22 -0.39 -0.64 7.50
CA VAL A 22 0.74 -0.18 8.29
C VAL A 22 2.01 -0.10 7.43
N GLY A 23 2.44 -1.25 6.93
CA GLY A 23 3.64 -1.30 6.10
C GLY A 23 3.60 -0.29 4.97
N PHE A 24 2.40 -0.01 4.46
CA PHE A 24 2.24 0.93 3.37
C PHE A 24 2.53 2.36 3.83
N CYS A 25 1.95 2.74 4.97
CA CYS A 25 2.16 4.07 5.53
C CYS A 25 3.62 4.29 5.91
N LEU A 26 4.32 3.19 6.18
CA LEU A 26 5.73 3.26 6.56
C LEU A 26 6.61 3.56 5.35
N LEU A 27 6.56 2.66 4.37
CA LEU A 27 7.35 2.81 3.14
C LEU A 27 7.14 4.20 2.54
N VAL A 28 5.90 4.70 2.61
CA VAL A 28 5.58 6.01 2.07
C VAL A 28 6.34 7.11 2.80
N MET A 29 6.06 7.26 4.09
CA MET A 29 6.72 8.27 4.91
C MET A 29 8.23 8.27 4.66
N LEU A 30 8.86 7.13 4.87
CA LEU A 30 10.30 6.99 4.67
C LEU A 30 10.69 7.45 3.27
N PHE A 31 9.80 7.26 2.32
CA PHE A 31 10.05 7.65 0.93
C PHE A 31 9.97 9.17 0.77
N LEU A 32 8.85 9.73 1.22
CA LEU A 32 8.65 11.18 1.12
C LEU A 32 9.86 11.94 1.66
N LEU A 33 10.35 11.53 2.82
CA LEU A 33 11.51 12.17 3.43
C LEU A 33 12.79 11.84 2.65
N LYS A 34 12.84 10.62 2.11
CA LYS A 34 14.00 10.18 1.35
C LYS A 34 14.30 11.14 0.20
N LEU A 35 13.25 11.52 -0.54
CA LEU A 35 13.41 12.44 -1.67
C LEU A 35 13.59 13.86 -1.18
N ALA A 36 13.01 14.17 -0.02
CA ALA A 36 13.10 15.50 0.56
C ALA A 36 14.56 15.90 0.79
N ARG A 37 15.28 15.08 1.55
CA ARG A 37 16.68 15.35 1.84
C ARG A 37 17.55 15.11 0.61
N HIS A 38 17.12 14.18 -0.24
CA HIS A 38 17.86 13.84 -1.45
C HIS A 38 17.89 15.03 -2.41
N SER A 39 16.71 15.56 -2.73
CA SER A 39 16.59 16.70 -3.63
C SER A 39 17.15 17.96 -2.99
N LYS A 40 17.14 17.99 -1.66
CA LYS A 40 17.65 19.14 -0.92
C LYS A 40 16.77 20.37 -1.18
N PHE A 41 15.47 20.15 -1.31
CA PHE A 41 14.53 21.24 -1.55
C PHE A 41 14.54 22.24 -0.39
N GLY A 42 14.14 21.76 0.79
CA GLY A 42 14.11 22.61 1.96
C GLY A 42 14.99 22.10 3.08
N MET A 43 16.11 21.49 2.72
CA MET A 43 17.04 20.96 3.70
C MET A 43 18.48 21.33 3.35
N LYS A 44 19.28 21.58 4.38
CA LYS A 44 20.68 21.95 4.18
C LYS A 44 21.58 21.28 5.23
N GLY A 45 22.76 20.84 4.80
CA GLY A 45 23.68 20.20 5.71
C GLY A 45 24.68 19.32 4.99
N MET B 1 -3.13 -23.70 -9.39
CA MET B 1 -2.04 -24.67 -9.40
C MET B 1 -2.28 -25.76 -8.35
N THR B 2 -2.55 -25.34 -7.12
CA THR B 2 -2.79 -26.27 -6.03
C THR B 2 -4.27 -26.64 -5.95
N ASP B 3 -4.67 -27.66 -6.69
CA ASP B 3 -6.07 -28.12 -6.69
C ASP B 3 -6.23 -29.38 -5.87
N LYS B 4 -5.26 -30.30 -5.98
CA LYS B 4 -5.30 -31.55 -5.25
C LYS B 4 -5.51 -31.31 -3.76
N THR B 5 -4.89 -30.25 -3.24
CA THR B 5 -5.03 -29.91 -1.83
C THR B 5 -5.00 -28.40 -1.63
N GLY B 6 -5.48 -27.95 -0.47
CA GLY B 6 -5.50 -26.54 -0.17
C GLY B 6 -6.83 -26.08 0.41
N ARG B 7 -6.87 -24.85 0.91
CA ARG B 7 -8.09 -24.30 1.49
C ARG B 7 -8.39 -22.92 0.92
N GLU B 8 -9.30 -22.20 1.57
CA GLU B 8 -9.69 -20.87 1.13
C GLU B 8 -8.81 -19.81 1.78
N HIS B 9 -8.43 -20.04 3.04
CA HIS B 9 -7.58 -19.11 3.77
C HIS B 9 -6.42 -18.64 2.91
N LEU B 10 -5.58 -19.59 2.50
CA LEU B 10 -4.42 -19.27 1.67
C LEU B 10 -4.81 -18.36 0.51
N SER B 11 -5.83 -18.76 -0.23
CA SER B 11 -6.30 -17.99 -1.37
C SER B 11 -6.72 -16.59 -0.94
N VAL B 12 -7.37 -16.50 0.22
CA VAL B 12 -7.83 -15.22 0.75
C VAL B 12 -6.66 -14.26 0.92
N TYR B 13 -5.68 -14.66 1.72
CA TYR B 13 -4.51 -13.82 1.97
C TYR B 13 -3.87 -13.38 0.66
N ALA B 14 -3.80 -14.29 -0.31
CA ALA B 14 -3.21 -13.99 -1.61
C ALA B 14 -4.02 -12.93 -2.35
N VAL B 15 -5.34 -13.00 -2.20
CA VAL B 15 -6.23 -12.04 -2.84
C VAL B 15 -6.08 -10.65 -2.25
N VAL B 16 -6.13 -10.58 -0.91
CA VAL B 16 -6.00 -9.31 -0.22
C VAL B 16 -4.67 -8.64 -0.54
N VAL B 17 -3.59 -9.40 -0.42
CA VAL B 17 -2.26 -8.88 -0.70
C VAL B 17 -2.19 -8.23 -2.08
N ILE B 18 -2.49 -9.02 -3.11
CA ILE B 18 -2.47 -8.52 -4.48
C ILE B 18 -3.25 -7.21 -4.60
N ALA B 19 -4.49 -7.23 -4.12
CA ALA B 19 -5.34 -6.04 -4.17
C ALA B 19 -4.64 -4.83 -3.55
N SER B 20 -4.18 -4.99 -2.31
CA SER B 20 -3.50 -3.92 -1.59
C SER B 20 -2.28 -3.45 -2.39
N VAL B 21 -1.59 -4.38 -3.01
CA VAL B 21 -0.40 -4.06 -3.79
C VAL B 21 -0.74 -3.11 -4.94
N VAL B 22 -1.70 -3.51 -5.77
CA VAL B 22 -2.11 -2.70 -6.91
C VAL B 22 -2.57 -1.32 -6.45
N GLY B 23 -3.62 -1.28 -5.64
CA GLY B 23 -4.14 -0.02 -5.16
C GLY B 23 -3.06 0.84 -4.52
N PHE B 24 -2.06 0.20 -3.92
CA PHE B 24 -0.97 0.91 -3.27
C PHE B 24 -0.09 1.61 -4.31
N CYS B 25 0.29 0.86 -5.35
CA CYS B 25 1.13 1.41 -6.41
C CYS B 25 0.41 2.52 -7.15
N LEU B 26 -0.91 2.49 -7.13
CA LEU B 26 -1.72 3.51 -7.80
C LEU B 26 -1.71 4.82 -7.02
N LEU B 27 -2.18 4.77 -5.78
CA LEU B 27 -2.22 5.95 -4.93
C LEU B 27 -0.87 6.64 -4.88
N VAL B 28 0.20 5.84 -4.87
CA VAL B 28 1.56 6.37 -4.84
C VAL B 28 1.86 7.19 -6.09
N MET B 29 1.85 6.53 -7.23
CA MET B 29 2.12 7.19 -8.50
C MET B 29 1.35 8.50 -8.61
N LEU B 30 0.03 8.42 -8.49
CA LEU B 30 -0.83 9.59 -8.58
C LEU B 30 -0.37 10.67 -7.60
N PHE B 31 0.18 10.23 -6.47
CA PHE B 31 0.67 11.15 -5.44
C PHE B 31 1.96 11.82 -5.89
N LEU B 32 2.94 11.01 -6.26
CA LEU B 32 4.24 11.52 -6.70
C LEU B 32 4.07 12.62 -7.73
N LEU B 33 3.20 12.38 -8.72
CA LEU B 33 2.93 13.36 -9.77
C LEU B 33 2.14 14.54 -9.22
N LYS B 34 1.25 14.26 -8.27
CA LYS B 34 0.43 15.30 -7.67
C LYS B 34 1.30 16.42 -7.10
N LEU B 35 2.32 16.04 -6.35
CA LEU B 35 3.23 17.01 -5.75
C LEU B 35 4.18 17.59 -6.78
N ALA B 36 4.50 16.79 -7.80
CA ALA B 36 5.39 17.23 -8.86
C ALA B 36 4.86 18.49 -9.54
N ARG B 37 3.64 18.40 -10.06
CA ARG B 37 3.02 19.53 -10.74
C ARG B 37 2.61 20.61 -9.74
N HIS B 38 2.28 20.19 -8.53
CA HIS B 38 1.87 21.12 -7.48
C HIS B 38 3.03 22.05 -7.10
N SER B 39 4.16 21.47 -6.77
CA SER B 39 5.34 22.24 -6.38
C SER B 39 5.91 23.00 -7.58
N LYS B 40 5.65 22.48 -8.78
CA LYS B 40 6.13 23.11 -10.00
C LYS B 40 7.65 23.06 -10.08
N PHE B 41 8.22 21.96 -9.60
CA PHE B 41 9.68 21.79 -9.61
C PHE B 41 10.21 21.77 -11.04
N GLY B 42 9.78 20.78 -11.82
CA GLY B 42 10.23 20.67 -13.19
C GLY B 42 9.07 20.68 -14.17
N MET B 43 8.04 21.46 -13.86
CA MET B 43 6.87 21.57 -14.72
C MET B 43 6.45 23.02 -14.88
N LYS B 44 5.96 23.37 -16.07
CA LYS B 44 5.51 24.72 -16.35
C LYS B 44 4.26 24.72 -17.21
N GLY B 45 3.34 25.63 -16.92
CA GLY B 45 2.11 25.72 -17.67
C GLY B 45 0.99 26.41 -16.90
N MET A 1 -26.06 -23.29 3.31
CA MET A 1 -26.40 -24.60 3.84
C MET A 1 -26.61 -24.54 5.35
N THR A 2 -25.75 -23.78 6.04
CA THR A 2 -25.84 -23.63 7.48
C THR A 2 -25.30 -22.29 7.93
N ASP A 3 -25.59 -21.92 9.17
CA ASP A 3 -25.14 -20.65 9.72
C ASP A 3 -23.93 -20.86 10.64
N LYS A 4 -23.32 -19.76 11.05
CA LYS A 4 -22.15 -19.82 11.94
C LYS A 4 -22.23 -18.75 13.02
N THR A 5 -21.88 -19.12 14.24
CA THR A 5 -21.91 -18.21 15.37
C THR A 5 -20.70 -17.28 15.36
N GLY A 6 -20.95 -15.99 15.22
CA GLY A 6 -19.86 -15.02 15.21
C GLY A 6 -19.51 -14.57 13.80
N ARG A 7 -19.00 -13.36 13.67
CA ARG A 7 -18.62 -12.81 12.37
C ARG A 7 -17.10 -12.72 12.24
N GLU A 8 -16.50 -13.81 11.75
CA GLU A 8 -15.06 -13.85 11.58
C GLU A 8 -14.63 -13.12 10.30
N HIS A 9 -15.47 -13.23 9.27
CA HIS A 9 -15.18 -12.58 8.00
C HIS A 9 -14.71 -11.15 8.20
N LEU A 10 -15.58 -10.31 8.76
CA LEU A 10 -15.25 -8.92 9.02
C LEU A 10 -13.89 -8.80 9.71
N SER A 11 -13.69 -9.59 10.76
CA SER A 11 -12.44 -9.58 11.50
C SER A 11 -11.27 -9.97 10.60
N VAL A 12 -11.53 -10.87 9.67
CA VAL A 12 -10.49 -11.32 8.74
C VAL A 12 -9.99 -10.18 7.86
N TYR A 13 -10.92 -9.56 7.14
CA TYR A 13 -10.57 -8.45 6.25
C TYR A 13 -9.85 -7.35 7.03
N ALA A 14 -10.29 -7.10 8.26
CA ALA A 14 -9.69 -6.08 9.10
C ALA A 14 -8.20 -6.33 9.30
N VAL A 15 -7.87 -7.56 9.67
CA VAL A 15 -6.48 -7.94 9.90
C VAL A 15 -5.66 -7.81 8.63
N VAL A 16 -6.27 -8.16 7.49
CA VAL A 16 -5.58 -8.07 6.21
C VAL A 16 -5.32 -6.63 5.82
N VAL A 17 -6.38 -5.83 5.75
CA VAL A 17 -6.27 -4.43 5.40
C VAL A 17 -5.22 -3.72 6.24
N ILE A 18 -5.46 -3.65 7.54
CA ILE A 18 -4.53 -3.00 8.47
C ILE A 18 -3.10 -3.47 8.21
N ALA A 19 -2.92 -4.77 8.07
CA ALA A 19 -1.60 -5.33 7.80
C ALA A 19 -0.92 -4.64 6.63
N SER A 20 -1.57 -4.69 5.47
CA SER A 20 -1.03 -4.07 4.26
C SER A 20 -0.89 -2.56 4.45
N VAL A 21 -1.88 -1.95 5.07
CA VAL A 21 -1.87 -0.51 5.32
C VAL A 21 -0.62 -0.10 6.09
N VAL A 22 -0.37 -0.78 7.21
CA VAL A 22 0.79 -0.48 8.03
C VAL A 22 2.08 -0.64 7.25
N GLY A 23 2.31 -1.83 6.71
CA GLY A 23 3.50 -2.09 5.93
C GLY A 23 3.76 -1.02 4.89
N PHE A 24 2.75 -0.77 4.06
CA PHE A 24 2.87 0.23 3.00
C PHE A 24 3.11 1.62 3.58
N CYS A 25 2.33 1.97 4.61
CA CYS A 25 2.47 3.27 5.26
C CYS A 25 3.90 3.52 5.69
N LEU A 26 4.62 2.44 5.98
CA LEU A 26 6.02 2.55 6.41
C LEU A 26 6.93 2.79 5.22
N LEU A 27 6.78 1.97 4.19
CA LEU A 27 7.59 2.10 2.98
C LEU A 27 7.31 3.42 2.27
N VAL A 28 6.06 3.85 2.34
CA VAL A 28 5.65 5.11 1.70
C VAL A 28 6.30 6.30 2.37
N MET A 29 5.97 6.52 3.64
CA MET A 29 6.52 7.64 4.40
C MET A 29 8.03 7.72 4.22
N LEU A 30 8.72 6.59 4.41
CA LEU A 30 10.17 6.55 4.27
C LEU A 30 10.59 7.03 2.88
N PHE A 31 9.81 6.68 1.87
CA PHE A 31 10.10 7.08 0.50
C PHE A 31 9.97 8.60 0.33
N LEU A 32 8.81 9.13 0.71
CA LEU A 32 8.57 10.56 0.61
C LEU A 32 9.72 11.36 1.19
N LEU A 33 10.20 10.93 2.36
CA LEU A 33 11.31 11.61 3.02
C LEU A 33 12.63 11.29 2.33
N LYS A 34 12.75 10.07 1.83
CA LYS A 34 13.97 9.63 1.15
C LYS A 34 14.33 10.60 0.03
N LEU A 35 13.37 10.89 -0.84
CA LEU A 35 13.58 11.80 -1.96
C LEU A 35 13.62 13.26 -1.47
N ALA A 36 12.86 13.54 -0.43
CA ALA A 36 12.81 14.89 0.13
C ALA A 36 14.21 15.41 0.43
N ARG A 37 15.01 14.60 1.10
CA ARG A 37 16.38 14.98 1.45
C ARG A 37 17.32 14.77 0.26
N HIS A 38 17.01 13.78 -0.57
CA HIS A 38 17.83 13.47 -1.74
C HIS A 38 17.99 14.71 -2.62
N SER A 39 16.91 15.47 -2.77
CA SER A 39 16.92 16.67 -3.59
C SER A 39 17.73 17.78 -2.92
N LYS A 40 17.72 17.78 -1.59
CA LYS A 40 18.45 18.79 -0.82
C LYS A 40 18.54 20.10 -1.59
N PHE A 41 17.39 20.57 -2.06
CA PHE A 41 17.33 21.83 -2.81
C PHE A 41 17.56 23.02 -1.89
N GLY A 42 18.80 23.51 -1.87
CA GLY A 42 19.14 24.65 -1.03
C GLY A 42 20.61 24.68 -0.68
N MET A 43 21.22 23.51 -0.52
CA MET A 43 22.62 23.41 -0.17
C MET A 43 23.50 23.63 -1.40
N LYS A 44 23.56 22.63 -2.26
CA LYS A 44 24.36 22.69 -3.47
C LYS A 44 23.47 22.74 -4.71
N GLY A 45 24.08 22.93 -5.87
CA GLY A 45 23.33 22.99 -7.11
C GLY A 45 24.14 23.56 -8.26
N MET B 1 9.61 -25.78 7.83
CA MET B 1 9.42 -26.13 9.24
C MET B 1 8.26 -27.11 9.39
N THR B 2 7.19 -26.88 8.63
CA THR B 2 6.01 -27.75 8.68
C THR B 2 5.31 -27.80 7.34
N ASP B 3 4.42 -28.77 7.18
CA ASP B 3 3.68 -28.94 5.93
C ASP B 3 2.26 -28.41 6.08
N LYS B 4 1.54 -28.31 4.96
CA LYS B 4 0.18 -27.82 4.96
C LYS B 4 -0.69 -28.62 3.99
N THR B 5 -1.91 -28.95 4.42
CA THR B 5 -2.82 -29.71 3.59
C THR B 5 -3.50 -28.82 2.57
N GLY B 6 -3.20 -29.03 1.29
CA GLY B 6 -3.78 -28.24 0.23
C GLY B 6 -2.96 -27.01 -0.09
N ARG B 7 -3.08 -26.52 -1.32
CA ARG B 7 -2.35 -25.34 -1.75
C ARG B 7 -3.27 -24.14 -1.86
N GLU B 8 -4.14 -23.97 -0.87
CA GLU B 8 -5.07 -22.86 -0.86
C GLU B 8 -4.48 -21.64 -0.15
N HIS B 9 -3.85 -21.88 0.99
CA HIS B 9 -3.22 -20.82 1.77
C HIS B 9 -2.38 -19.91 0.87
N LEU B 10 -1.38 -20.49 0.22
CA LEU B 10 -0.50 -19.74 -0.66
C LEU B 10 -1.31 -18.86 -1.63
N SER B 11 -2.31 -19.46 -2.26
CA SER B 11 -3.16 -18.75 -3.20
C SER B 11 -3.92 -17.62 -2.49
N VAL B 12 -4.32 -17.87 -1.25
CA VAL B 12 -5.04 -16.88 -0.48
C VAL B 12 -4.20 -15.62 -0.26
N TYR B 13 -3.05 -15.79 0.37
CA TYR B 13 -2.16 -14.66 0.63
C TYR B 13 -1.85 -13.90 -0.65
N ALA B 14 -1.65 -14.65 -1.75
CA ALA B 14 -1.35 -14.04 -3.04
C ALA B 14 -2.43 -13.04 -3.44
N VAL B 15 -3.69 -13.45 -3.37
CA VAL B 15 -4.81 -12.60 -3.72
C VAL B 15 -4.86 -11.37 -2.82
N VAL B 16 -4.56 -11.57 -1.55
CA VAL B 16 -4.58 -10.48 -0.58
C VAL B 16 -3.47 -9.47 -0.86
N VAL B 17 -2.22 -9.96 -0.87
CA VAL B 17 -1.07 -9.10 -1.13
C VAL B 17 -1.28 -8.27 -2.40
N ILE B 18 -1.37 -8.95 -3.54
CA ILE B 18 -1.57 -8.28 -4.81
C ILE B 18 -2.66 -7.23 -4.71
N ALA B 19 -3.79 -7.60 -4.11
CA ALA B 19 -4.91 -6.68 -3.95
C ALA B 19 -4.45 -5.37 -3.32
N SER B 20 -3.89 -5.45 -2.12
CA SER B 20 -3.42 -4.28 -1.42
C SER B 20 -2.33 -3.57 -2.21
N VAL B 21 -1.42 -4.35 -2.78
CA VAL B 21 -0.32 -3.80 -3.56
C VAL B 21 -0.84 -2.92 -4.69
N VAL B 22 -1.77 -3.45 -5.47
CA VAL B 22 -2.35 -2.70 -6.59
C VAL B 22 -3.01 -1.42 -6.10
N GLY B 23 -3.99 -1.56 -5.21
CA GLY B 23 -4.69 -0.41 -4.67
C GLY B 23 -3.74 0.68 -4.20
N PHE B 24 -2.79 0.32 -3.35
CA PHE B 24 -1.82 1.27 -2.82
C PHE B 24 -0.97 1.84 -3.94
N CYS B 25 -0.47 0.97 -4.81
CA CYS B 25 0.36 1.39 -5.93
C CYS B 25 -0.32 2.50 -6.73
N LEU B 26 -1.65 2.48 -6.74
CA LEU B 26 -2.42 3.49 -7.46
C LEU B 26 -2.46 4.80 -6.69
N LEU B 27 -2.82 4.72 -5.42
CA LEU B 27 -2.91 5.91 -4.57
C LEU B 27 -1.53 6.54 -4.39
N VAL B 28 -0.51 5.70 -4.35
CA VAL B 28 0.87 6.18 -4.18
C VAL B 28 1.33 6.97 -5.40
N MET B 29 1.42 6.30 -6.54
CA MET B 29 1.84 6.94 -7.77
C MET B 29 1.11 8.27 -7.97
N LEU B 30 -0.21 8.24 -7.85
CA LEU B 30 -1.01 9.45 -8.01
C LEU B 30 -0.55 10.55 -7.07
N PHE B 31 -0.19 10.16 -5.85
CA PHE B 31 0.28 11.11 -4.85
C PHE B 31 1.60 11.74 -5.27
N LEU B 32 2.58 10.90 -5.56
CA LEU B 32 3.90 11.37 -5.97
C LEU B 32 3.79 12.42 -7.06
N LEU B 33 2.92 12.17 -8.03
CA LEU B 33 2.71 13.10 -9.14
C LEU B 33 1.88 14.29 -8.69
N LYS B 34 0.93 14.04 -7.79
CA LYS B 34 0.06 15.10 -7.28
C LYS B 34 0.89 16.26 -6.74
N LEU B 35 1.84 15.96 -5.86
CA LEU B 35 2.71 16.98 -5.27
C LEU B 35 3.74 17.46 -6.29
N ALA B 36 4.17 16.56 -7.17
CA ALA B 36 5.16 16.89 -8.18
C ALA B 36 4.75 18.14 -8.95
N ARG B 37 3.50 18.16 -9.41
CA ARG B 37 2.99 19.30 -10.17
C ARG B 37 2.56 20.43 -9.24
N HIS B 38 2.10 20.07 -8.04
CA HIS B 38 1.67 21.05 -7.06
C HIS B 38 2.77 22.06 -6.77
N SER B 39 4.01 21.58 -6.71
CA SER B 39 5.15 22.45 -6.44
C SER B 39 5.46 23.33 -7.65
N LYS B 40 5.18 22.82 -8.84
CA LYS B 40 5.42 23.57 -10.07
C LYS B 40 6.60 24.52 -9.90
N PHE B 41 7.72 23.98 -9.42
CA PHE B 41 8.92 24.78 -9.21
C PHE B 41 9.55 25.17 -10.56
N GLY B 42 9.26 26.39 -11.00
CA GLY B 42 9.80 26.87 -12.26
C GLY B 42 8.96 27.97 -12.87
N MET B 43 7.64 27.88 -12.70
CA MET B 43 6.73 28.87 -13.24
C MET B 43 6.69 30.11 -12.36
N LYS B 44 6.03 30.01 -11.21
CA LYS B 44 5.92 31.12 -10.28
C LYS B 44 6.70 30.84 -9.00
N GLY B 45 6.77 31.84 -8.12
CA GLY B 45 7.49 31.67 -6.87
C GLY B 45 7.77 33.00 -6.18
N MET A 1 -10.83 -3.57 22.07
CA MET A 1 -12.02 -3.72 21.23
C MET A 1 -12.32 -5.19 20.98
N THR A 2 -13.49 -5.48 20.42
CA THR A 2 -13.90 -6.83 20.13
C THR A 2 -14.07 -7.06 18.64
N ASP A 3 -13.50 -8.16 18.15
CA ASP A 3 -13.58 -8.49 16.73
C ASP A 3 -14.76 -9.41 16.45
N LYS A 4 -15.00 -9.69 15.17
CA LYS A 4 -16.11 -10.55 14.77
C LYS A 4 -15.75 -12.02 14.99
N THR A 5 -16.73 -12.81 15.40
CA THR A 5 -16.52 -14.24 15.65
C THR A 5 -17.53 -15.08 14.88
N GLY A 6 -17.08 -16.24 14.41
CA GLY A 6 -17.96 -17.13 13.67
C GLY A 6 -17.29 -17.70 12.43
N ARG A 7 -16.38 -16.93 11.84
CA ARG A 7 -15.66 -17.36 10.64
C ARG A 7 -14.23 -16.87 10.66
N GLU A 8 -13.35 -17.62 10.00
CA GLU A 8 -11.93 -17.25 9.94
C GLU A 8 -11.65 -16.36 8.73
N HIS A 9 -12.29 -16.68 7.61
CA HIS A 9 -12.12 -15.91 6.38
C HIS A 9 -12.15 -14.42 6.67
N LEU A 10 -13.29 -13.94 7.16
CA LEU A 10 -13.46 -12.53 7.46
C LEU A 10 -12.27 -12.00 8.27
N SER A 11 -11.91 -12.72 9.33
CA SER A 11 -10.80 -12.32 10.18
C SER A 11 -9.50 -12.28 9.38
N VAL A 12 -9.34 -13.23 8.46
CA VAL A 12 -8.15 -13.29 7.63
C VAL A 12 -7.97 -12.01 6.82
N TYR A 13 -8.97 -11.69 6.01
CA TYR A 13 -8.92 -10.49 5.18
C TYR A 13 -8.62 -9.25 6.02
N ALA A 14 -9.23 -9.18 7.19
CA ALA A 14 -9.04 -8.06 8.10
C ALA A 14 -7.58 -7.97 8.54
N VAL A 15 -6.97 -9.12 8.80
CA VAL A 15 -5.59 -9.17 9.24
C VAL A 15 -4.64 -8.69 8.14
N VAL A 16 -4.84 -9.22 6.93
CA VAL A 16 -4.00 -8.85 5.79
C VAL A 16 -4.11 -7.35 5.51
N VAL A 17 -5.33 -6.83 5.53
CA VAL A 17 -5.57 -5.41 5.28
C VAL A 17 -4.76 -4.54 6.23
N ILE A 18 -5.00 -4.72 7.52
CA ILE A 18 -4.30 -3.95 8.54
C ILE A 18 -2.79 -3.96 8.31
N ALA A 19 -2.23 -5.17 8.15
CA ALA A 19 -0.80 -5.31 7.90
C ALA A 19 -0.36 -4.47 6.72
N SER A 20 -1.02 -4.65 5.57
CA SER A 20 -0.68 -3.91 4.37
C SER A 20 -0.78 -2.42 4.61
N VAL A 21 -1.77 -2.01 5.40
CA VAL A 21 -1.98 -0.60 5.72
C VAL A 21 -0.77 -0.02 6.43
N VAL A 22 -0.39 -0.63 7.53
CA VAL A 22 0.76 -0.17 8.32
C VAL A 22 2.02 -0.12 7.46
N GLY A 23 2.44 -1.27 6.95
CA GLY A 23 3.62 -1.34 6.12
C GLY A 23 3.59 -0.34 4.98
N PHE A 24 2.39 -0.04 4.49
CA PHE A 24 2.22 0.91 3.39
C PHE A 24 2.54 2.33 3.86
N CYS A 25 1.97 2.72 4.99
CA CYS A 25 2.19 4.05 5.53
C CYS A 25 3.66 4.25 5.91
N LEU A 26 4.35 3.16 6.18
CA LEU A 26 5.76 3.21 6.55
C LEU A 26 6.63 3.49 5.33
N LEU A 27 6.56 2.60 4.34
CA LEU A 27 7.34 2.76 3.12
C LEU A 27 7.14 4.15 2.51
N VAL A 28 5.91 4.66 2.60
CA VAL A 28 5.60 5.97 2.07
C VAL A 28 6.38 7.06 2.80
N MET A 29 6.12 7.21 4.08
CA MET A 29 6.79 8.22 4.89
C MET A 29 8.29 8.20 4.63
N LEU A 30 8.91 7.05 4.83
CA LEU A 30 10.35 6.90 4.61
C LEU A 30 10.73 7.38 3.21
N PHE A 31 9.83 7.20 2.26
CA PHE A 31 10.08 7.61 0.89
C PHE A 31 10.00 9.13 0.74
N LEU A 32 8.90 9.71 1.23
CA LEU A 32 8.69 11.15 1.16
C LEU A 32 9.92 11.90 1.67
N LEU A 33 10.44 11.45 2.82
CA LEU A 33 11.61 12.08 3.41
C LEU A 33 12.87 11.74 2.62
N LYS A 34 12.92 10.53 2.08
CA LYS A 34 14.07 10.08 1.31
C LYS A 34 14.38 11.07 0.18
N LEU A 35 13.37 11.37 -0.63
CA LEU A 35 13.53 12.30 -1.74
C LEU A 35 13.61 13.74 -1.24
N ALA A 36 12.94 14.02 -0.13
CA ALA A 36 12.95 15.35 0.46
C ALA A 36 14.37 15.85 0.65
N ARG A 37 15.21 15.03 1.27
CA ARG A 37 16.59 15.39 1.52
C ARG A 37 17.45 15.21 0.27
N HIS A 38 17.08 14.22 -0.54
CA HIS A 38 17.81 13.94 -1.77
C HIS A 38 17.85 15.16 -2.68
N SER A 39 16.76 15.93 -2.69
CA SER A 39 16.67 17.13 -3.51
C SER A 39 17.58 18.22 -2.97
N LYS A 40 17.80 18.21 -1.66
CA LYS A 40 18.65 19.21 -1.02
C LYS A 40 18.04 20.60 -1.12
N PHE A 41 16.75 20.70 -0.81
CA PHE A 41 16.05 21.98 -0.87
C PHE A 41 16.85 23.08 -0.18
N GLY A 42 17.62 22.68 0.84
CA GLY A 42 18.41 23.65 1.58
C GLY A 42 19.57 22.99 2.31
N MET A 43 19.26 22.13 3.28
CA MET A 43 20.29 21.44 4.04
C MET A 43 19.83 20.03 4.42
N LYS A 44 20.71 19.05 4.22
CA LYS A 44 20.40 17.67 4.54
C LYS A 44 20.27 17.47 6.04
N GLY A 45 19.07 17.67 6.57
CA GLY A 45 18.85 17.50 8.00
C GLY A 45 17.51 18.04 8.44
N MET B 1 -4.42 -20.42 -16.41
CA MET B 1 -3.55 -21.14 -15.49
C MET B 1 -4.37 -21.78 -14.37
N THR B 2 -3.72 -22.63 -13.58
CA THR B 2 -4.37 -23.31 -12.47
C THR B 2 -3.77 -22.89 -11.13
N ASP B 3 -4.64 -22.57 -10.17
CA ASP B 3 -4.20 -22.16 -8.85
C ASP B 3 -4.15 -23.34 -7.89
N LYS B 4 -3.67 -23.10 -6.68
CA LYS B 4 -3.58 -24.15 -5.67
C LYS B 4 -4.95 -24.49 -5.09
N THR B 5 -5.16 -25.76 -4.78
CA THR B 5 -6.44 -26.21 -4.22
C THR B 5 -6.21 -27.01 -2.94
N GLY B 6 -7.15 -26.87 -2.00
CA GLY B 6 -7.05 -27.58 -0.74
C GLY B 6 -7.44 -26.73 0.44
N ARG B 7 -7.19 -25.42 0.34
CA ARG B 7 -7.53 -24.50 1.41
C ARG B 7 -7.89 -23.12 0.86
N GLU B 8 -8.84 -22.46 1.50
CA GLU B 8 -9.27 -21.14 1.07
C GLU B 8 -8.45 -20.04 1.75
N HIS B 9 -8.08 -20.28 3.00
CA HIS B 9 -7.28 -19.31 3.76
C HIS B 9 -6.13 -18.78 2.92
N LEU B 10 -5.22 -19.69 2.54
CA LEU B 10 -4.06 -19.31 1.74
C LEU B 10 -4.48 -18.42 0.57
N SER B 11 -5.49 -18.86 -0.18
CA SER B 11 -5.98 -18.11 -1.32
C SER B 11 -6.47 -16.73 -0.90
N VAL B 12 -7.13 -16.67 0.26
CA VAL B 12 -7.65 -15.42 0.78
C VAL B 12 -6.54 -14.39 0.97
N TYR B 13 -5.55 -14.74 1.78
CA TYR B 13 -4.42 -13.84 2.04
C TYR B 13 -3.78 -13.38 0.73
N ALA B 14 -3.65 -14.31 -0.22
CA ALA B 14 -3.07 -14.00 -1.52
C ALA B 14 -3.90 -12.95 -2.27
N VAL B 15 -5.21 -13.08 -2.18
CA VAL B 15 -6.12 -12.16 -2.84
C VAL B 15 -6.00 -10.76 -2.25
N VAL B 16 -6.05 -10.68 -0.93
CA VAL B 16 -5.95 -9.39 -0.24
C VAL B 16 -4.63 -8.71 -0.55
N VAL B 17 -3.54 -9.46 -0.49
CA VAL B 17 -2.21 -8.92 -0.78
C VAL B 17 -2.18 -8.26 -2.15
N ILE B 18 -2.47 -9.03 -3.18
CA ILE B 18 -2.47 -8.52 -4.54
C ILE B 18 -3.25 -7.22 -4.65
N ALA B 19 -4.49 -7.25 -4.17
CA ALA B 19 -5.35 -6.07 -4.19
C ALA B 19 -4.66 -4.86 -3.57
N SER B 20 -4.19 -5.03 -2.34
CA SER B 20 -3.51 -3.97 -1.62
C SER B 20 -2.30 -3.46 -2.40
N VAL B 21 -1.60 -4.40 -3.05
CA VAL B 21 -0.43 -4.06 -3.84
C VAL B 21 -0.78 -3.10 -4.97
N VAL B 22 -1.74 -3.51 -5.80
CA VAL B 22 -2.16 -2.68 -6.92
C VAL B 22 -2.63 -1.31 -6.46
N GLY B 23 -3.68 -1.29 -5.63
CA GLY B 23 -4.20 -0.03 -5.12
C GLY B 23 -3.12 0.83 -4.50
N PHE B 24 -2.12 0.19 -3.91
CA PHE B 24 -1.03 0.91 -3.27
C PHE B 24 -0.15 1.62 -4.31
N CYS B 25 0.22 0.88 -5.36
CA CYS B 25 1.05 1.43 -6.42
C CYS B 25 0.33 2.56 -7.15
N LEU B 26 -1.00 2.52 -7.10
CA LEU B 26 -1.81 3.54 -7.77
C LEU B 26 -1.79 4.85 -6.98
N LEU B 27 -2.26 4.79 -5.74
CA LEU B 27 -2.29 5.96 -4.87
C LEU B 27 -0.93 6.65 -4.83
N VAL B 28 0.13 5.85 -4.83
CA VAL B 28 1.49 6.38 -4.80
C VAL B 28 1.78 7.21 -6.06
N MET B 29 1.76 6.55 -7.21
CA MET B 29 2.03 7.22 -8.47
C MET B 29 1.25 8.53 -8.57
N LEU B 30 -0.07 8.44 -8.44
CA LEU B 30 -0.92 9.63 -8.51
C LEU B 30 -0.44 10.71 -7.54
N PHE B 31 0.11 10.27 -6.41
CA PHE B 31 0.62 11.20 -5.41
C PHE B 31 1.92 11.85 -5.86
N LEU B 32 2.87 11.02 -6.27
CA LEU B 32 4.17 11.52 -6.73
C LEU B 32 3.98 12.64 -7.75
N LEU B 33 3.11 12.41 -8.72
CA LEU B 33 2.84 13.40 -9.76
C LEU B 33 2.06 14.58 -9.19
N LYS B 34 1.16 14.29 -8.26
CA LYS B 34 0.34 15.33 -7.64
C LYS B 34 1.22 16.45 -7.09
N LEU B 35 2.19 16.09 -6.27
CA LEU B 35 3.10 17.07 -5.67
C LEU B 35 4.10 17.58 -6.71
N ALA B 36 4.45 16.71 -7.65
CA ALA B 36 5.40 17.08 -8.70
C ALA B 36 4.99 18.37 -9.39
N ARG B 37 3.73 18.44 -9.81
CA ARG B 37 3.21 19.62 -10.47
C ARG B 37 2.87 20.72 -9.47
N HIS B 38 2.45 20.32 -8.29
CA HIS B 38 2.10 21.26 -7.22
C HIS B 38 3.27 22.17 -6.90
N SER B 39 4.48 21.62 -6.96
CA SER B 39 5.69 22.39 -6.67
C SER B 39 5.97 23.40 -7.78
N LYS B 40 5.55 23.08 -8.99
CA LYS B 40 5.75 23.96 -10.14
C LYS B 40 7.24 24.10 -10.46
N PHE B 41 7.96 22.99 -10.36
CA PHE B 41 9.39 22.98 -10.65
C PHE B 41 10.09 24.13 -9.93
N GLY B 42 9.54 24.52 -8.78
CA GLY B 42 10.13 25.61 -8.00
C GLY B 42 9.32 25.94 -6.77
N MET B 43 8.28 26.75 -6.94
CA MET B 43 7.42 27.14 -5.83
C MET B 43 6.09 27.68 -6.33
N LYS B 44 5.00 27.14 -5.81
CA LYS B 44 3.66 27.57 -6.20
C LYS B 44 3.34 28.95 -5.65
N GLY B 45 3.83 29.99 -6.33
CA GLY B 45 3.58 31.35 -5.88
C GLY B 45 4.56 32.33 -6.50
N MET A 1 -24.32 -17.12 -7.75
CA MET A 1 -23.33 -17.49 -6.74
C MET A 1 -23.97 -17.61 -5.36
N THR A 2 -23.22 -18.16 -4.42
CA THR A 2 -23.72 -18.34 -3.06
C THR A 2 -23.32 -17.16 -2.17
N ASP A 3 -23.94 -17.08 -0.99
CA ASP A 3 -23.65 -16.00 -0.05
C ASP A 3 -23.01 -16.55 1.22
N LYS A 4 -22.56 -15.65 2.08
CA LYS A 4 -21.94 -16.04 3.34
C LYS A 4 -22.26 -15.05 4.45
N THR A 5 -22.06 -15.47 5.70
CA THR A 5 -22.34 -14.61 6.85
C THR A 5 -21.60 -15.10 8.08
N GLY A 6 -21.29 -14.18 8.99
CA GLY A 6 -20.59 -14.53 10.21
C GLY A 6 -19.84 -13.35 10.81
N ARG A 7 -18.91 -13.64 11.70
CA ARG A 7 -18.12 -12.59 12.34
C ARG A 7 -16.64 -12.73 12.00
N GLU A 8 -16.17 -13.97 11.91
CA GLU A 8 -14.77 -14.23 11.59
C GLU A 8 -14.35 -13.47 10.34
N HIS A 9 -15.15 -13.57 9.28
CA HIS A 9 -14.87 -12.89 8.03
C HIS A 9 -14.47 -11.44 8.28
N LEU A 10 -15.38 -10.67 8.86
CA LEU A 10 -15.12 -9.27 9.16
C LEU A 10 -13.76 -9.09 9.83
N SER A 11 -13.50 -9.89 10.86
CA SER A 11 -12.23 -9.82 11.59
C SER A 11 -11.07 -10.16 10.67
N VAL A 12 -11.29 -11.09 9.74
CA VAL A 12 -10.26 -11.50 8.80
C VAL A 12 -9.81 -10.32 7.93
N TYR A 13 -10.76 -9.74 7.21
CA TYR A 13 -10.47 -8.61 6.33
C TYR A 13 -9.75 -7.50 7.09
N ALA A 14 -10.25 -7.19 8.28
CA ALA A 14 -9.66 -6.14 9.11
C ALA A 14 -8.16 -6.38 9.30
N VAL A 15 -7.81 -7.60 9.70
CA VAL A 15 -6.41 -7.97 9.93
C VAL A 15 -5.60 -7.83 8.65
N VAL A 16 -6.21 -8.21 7.53
CA VAL A 16 -5.53 -8.13 6.24
C VAL A 16 -5.28 -6.69 5.84
N VAL A 17 -6.34 -5.90 5.76
CA VAL A 17 -6.22 -4.49 5.40
C VAL A 17 -5.17 -3.78 6.24
N ILE A 18 -5.42 -3.71 7.55
CA ILE A 18 -4.49 -3.06 8.46
C ILE A 18 -3.06 -3.52 8.19
N ALA A 19 -2.86 -4.82 8.05
CA ALA A 19 -1.54 -5.38 7.77
C ALA A 19 -0.87 -4.68 6.60
N SER A 20 -1.52 -4.73 5.44
CA SER A 20 -0.98 -4.11 4.24
C SER A 20 -0.86 -2.60 4.42
N VAL A 21 -1.86 -2.00 5.07
CA VAL A 21 -1.86 -0.56 5.31
C VAL A 21 -0.61 -0.13 6.08
N VAL A 22 -0.34 -0.81 7.19
CA VAL A 22 0.82 -0.51 8.02
C VAL A 22 2.11 -0.65 7.23
N GLY A 23 2.32 -1.84 6.66
CA GLY A 23 3.52 -2.09 5.89
C GLY A 23 3.76 -1.02 4.84
N PHE A 24 2.76 -0.77 4.02
CA PHE A 24 2.87 0.24 2.95
C PHE A 24 3.11 1.62 3.55
N CYS A 25 2.31 1.98 4.55
CA CYS A 25 2.44 3.27 5.20
C CYS A 25 3.87 3.53 5.65
N LEU A 26 4.59 2.46 5.94
CA LEU A 26 5.98 2.56 6.38
C LEU A 26 6.91 2.82 5.19
N LEU A 27 6.78 1.99 4.16
CA LEU A 27 7.61 2.12 2.97
C LEU A 27 7.32 3.44 2.26
N VAL A 28 6.06 3.87 2.30
CA VAL A 28 5.66 5.12 1.67
C VAL A 28 6.32 6.32 2.35
N MET A 29 5.98 6.52 3.62
CA MET A 29 6.54 7.63 4.39
C MET A 29 8.05 7.73 4.20
N LEU A 30 8.74 6.60 4.41
CA LEU A 30 10.19 6.55 4.26
C LEU A 30 10.61 7.04 2.88
N PHE A 31 9.80 6.72 1.87
CA PHE A 31 10.08 7.12 0.50
C PHE A 31 9.89 8.62 0.33
N LEU A 32 8.71 9.12 0.70
CA LEU A 32 8.40 10.54 0.58
C LEU A 32 9.54 11.39 1.12
N LEU A 33 10.02 11.04 2.31
CA LEU A 33 11.11 11.78 2.95
C LEU A 33 12.43 11.52 2.22
N LYS A 34 12.63 10.28 1.79
CA LYS A 34 13.84 9.90 1.07
C LYS A 34 14.13 10.89 -0.06
N LEU A 35 13.16 11.07 -0.95
CA LEU A 35 13.32 11.96 -2.08
C LEU A 35 13.21 13.42 -1.63
N ALA A 36 12.46 13.65 -0.56
CA ALA A 36 12.29 15.00 -0.03
C ALA A 36 13.63 15.67 0.20
N ARG A 37 14.53 14.99 0.91
CA ARG A 37 15.85 15.53 1.21
C ARG A 37 16.78 15.34 0.01
N HIS A 38 16.56 14.26 -0.74
CA HIS A 38 17.38 13.95 -1.90
C HIS A 38 17.50 15.17 -2.82
N SER A 39 16.37 15.85 -3.04
CA SER A 39 16.34 17.02 -3.91
C SER A 39 17.11 18.18 -3.28
N LYS A 40 17.11 18.23 -1.95
CA LYS A 40 17.81 19.28 -1.23
C LYS A 40 17.82 20.57 -2.03
N PHE A 41 16.65 20.97 -2.52
CA PHE A 41 16.54 22.20 -3.31
C PHE A 41 17.55 22.22 -4.44
N GLY A 42 17.15 21.70 -5.60
CA GLY A 42 18.04 21.66 -6.74
C GLY A 42 17.31 21.34 -8.03
N MET A 43 18.06 21.01 -9.07
CA MET A 43 17.49 20.68 -10.36
C MET A 43 16.81 19.31 -10.33
N LYS A 44 17.45 18.36 -9.66
CA LYS A 44 16.91 17.02 -9.54
C LYS A 44 16.22 16.81 -8.20
N GLY A 45 15.14 16.04 -8.20
CA GLY A 45 14.41 15.78 -6.98
C GLY A 45 13.49 14.58 -7.10
N MET B 1 1.27 -25.89 19.82
CA MET B 1 0.24 -25.50 18.86
C MET B 1 0.18 -26.49 17.69
N THR B 2 -0.87 -26.39 16.88
CA THR B 2 -1.03 -27.26 15.73
C THR B 2 -0.48 -26.62 14.47
N ASP B 3 -0.31 -27.43 13.42
CA ASP B 3 0.21 -26.94 12.15
C ASP B 3 -0.85 -27.04 11.06
N LYS B 4 -0.53 -26.49 9.89
CA LYS B 4 -1.45 -26.53 8.75
C LYS B 4 -0.70 -26.68 7.44
N THR B 5 -1.40 -27.11 6.40
CA THR B 5 -0.79 -27.29 5.09
C THR B 5 -1.85 -27.37 4.00
N GLY B 6 -1.47 -27.02 2.77
CA GLY B 6 -2.40 -27.04 1.67
C GLY B 6 -1.97 -26.14 0.52
N ARG B 7 -2.90 -25.84 -0.38
CA ARG B 7 -2.61 -24.99 -1.52
C ARG B 7 -3.47 -23.73 -1.49
N GLU B 8 -4.71 -23.87 -1.02
CA GLU B 8 -5.63 -22.74 -0.93
C GLU B 8 -4.98 -21.57 -0.20
N HIS B 9 -4.38 -21.86 0.95
CA HIS B 9 -3.72 -20.81 1.74
C HIS B 9 -2.83 -19.95 0.86
N LEU B 10 -1.84 -20.56 0.24
CA LEU B 10 -0.92 -19.85 -0.63
C LEU B 10 -1.67 -18.94 -1.59
N SER B 11 -2.67 -19.50 -2.25
CA SER B 11 -3.48 -18.73 -3.21
C SER B 11 -4.20 -17.58 -2.52
N VAL B 12 -4.62 -17.82 -1.28
CA VAL B 12 -5.33 -16.79 -0.51
C VAL B 12 -4.44 -15.57 -0.29
N TYR B 13 -3.28 -15.79 0.33
CA TYR B 13 -2.35 -14.71 0.61
C TYR B 13 -2.02 -13.93 -0.67
N ALA B 14 -1.74 -14.66 -1.74
CA ALA B 14 -1.41 -14.05 -3.02
C ALA B 14 -2.48 -13.03 -3.42
N VAL B 15 -3.74 -13.45 -3.38
CA VAL B 15 -4.84 -12.57 -3.75
C VAL B 15 -4.91 -11.35 -2.84
N VAL B 16 -4.63 -11.57 -1.55
CA VAL B 16 -4.65 -10.48 -0.57
C VAL B 16 -3.55 -9.48 -0.85
N VAL B 17 -2.30 -9.96 -0.86
CA VAL B 17 -1.15 -9.09 -1.10
C VAL B 17 -1.35 -8.27 -2.37
N ILE B 18 -1.43 -8.94 -3.51
CA ILE B 18 -1.62 -8.26 -4.79
C ILE B 18 -2.72 -7.20 -4.68
N ALA B 19 -3.84 -7.57 -4.08
CA ALA B 19 -4.96 -6.66 -3.91
C ALA B 19 -4.50 -5.34 -3.29
N SER B 20 -3.94 -5.42 -2.09
CA SER B 20 -3.46 -4.25 -1.38
C SER B 20 -2.36 -3.54 -2.17
N VAL B 21 -1.47 -4.34 -2.75
CA VAL B 21 -0.36 -3.80 -3.54
C VAL B 21 -0.86 -2.91 -4.67
N VAL B 22 -1.81 -3.43 -5.45
CA VAL B 22 -2.39 -2.69 -6.56
C VAL B 22 -3.04 -1.39 -6.08
N GLY B 23 -3.99 -1.54 -5.16
CA GLY B 23 -4.68 -0.38 -4.63
C GLY B 23 -3.72 0.71 -4.17
N PHE B 24 -2.79 0.34 -3.31
CA PHE B 24 -1.81 1.28 -2.79
C PHE B 24 -0.95 1.86 -3.92
N CYS B 25 -0.45 0.98 -4.78
CA CYS B 25 0.39 1.40 -5.90
C CYS B 25 -0.29 2.49 -6.70
N LEU B 26 -1.62 2.49 -6.71
CA LEU B 26 -2.39 3.48 -7.44
C LEU B 26 -2.43 4.81 -6.68
N LEU B 27 -2.82 4.74 -5.42
CA LEU B 27 -2.90 5.93 -4.58
C LEU B 27 -1.52 6.57 -4.41
N VAL B 28 -0.50 5.73 -4.33
CA VAL B 28 0.88 6.21 -4.17
C VAL B 28 1.33 7.00 -5.39
N MET B 29 1.39 6.32 -6.54
CA MET B 29 1.81 6.97 -7.77
C MET B 29 1.09 8.30 -7.97
N LEU B 30 -0.23 8.28 -7.86
CA LEU B 30 -1.03 9.49 -8.03
C LEU B 30 -0.57 10.58 -7.07
N PHE B 31 -0.15 10.17 -5.87
CA PHE B 31 0.33 11.12 -4.87
C PHE B 31 1.68 11.70 -5.26
N LEU B 32 2.63 10.82 -5.53
CA LEU B 32 3.97 11.25 -5.92
C LEU B 32 3.92 12.33 -6.99
N LEU B 33 3.12 12.09 -8.02
CA LEU B 33 2.97 13.06 -9.11
C LEU B 33 2.20 14.30 -8.64
N LYS B 34 1.19 14.07 -7.80
CA LYS B 34 0.38 15.16 -7.28
C LYS B 34 1.25 16.27 -6.72
N LEU B 35 2.13 15.91 -5.79
CA LEU B 35 3.04 16.88 -5.16
C LEU B 35 4.16 17.27 -6.12
N ALA B 36 4.51 16.35 -7.01
CA ALA B 36 5.57 16.59 -7.99
C ALA B 36 5.32 17.89 -8.75
N ARG B 37 4.12 18.03 -9.29
CA ARG B 37 3.76 19.23 -10.05
C ARG B 37 3.35 20.37 -9.12
N HIS B 38 2.79 20.00 -7.97
CA HIS B 38 2.35 20.98 -6.99
C HIS B 38 3.47 21.96 -6.66
N SER B 39 4.68 21.44 -6.50
CA SER B 39 5.84 22.27 -6.19
C SER B 39 6.18 23.18 -7.35
N LYS B 40 5.92 22.72 -8.57
CA LYS B 40 6.19 23.50 -9.76
C LYS B 40 7.42 24.40 -9.56
N PHE B 41 8.49 23.81 -9.04
CA PHE B 41 9.72 24.55 -8.80
C PHE B 41 9.44 25.81 -7.98
N GLY B 42 9.52 25.68 -6.66
CA GLY B 42 9.28 26.81 -5.78
C GLY B 42 9.65 26.52 -4.34
N MET B 43 9.25 27.40 -3.44
CA MET B 43 9.55 27.25 -2.02
C MET B 43 8.71 26.12 -1.42
N LYS B 44 7.45 26.05 -1.82
CA LYS B 44 6.54 25.02 -1.32
C LYS B 44 6.34 23.93 -2.35
N GLY B 45 6.19 22.69 -1.88
CA GLY B 45 5.98 21.57 -2.78
C GLY B 45 5.35 20.38 -2.10
N MET A 1 -23.82 -23.23 -3.25
CA MET A 1 -24.06 -21.80 -3.10
C MET A 1 -22.86 -21.10 -2.47
N THR A 2 -22.59 -19.87 -2.89
CA THR A 2 -21.47 -19.11 -2.37
C THR A 2 -21.94 -17.85 -1.65
N ASP A 3 -22.94 -18.02 -0.79
CA ASP A 3 -23.49 -16.90 -0.03
C ASP A 3 -23.61 -17.25 1.44
N LYS A 4 -23.10 -16.38 2.31
CA LYS A 4 -23.15 -16.60 3.74
C LYS A 4 -22.95 -15.29 4.51
N THR A 5 -23.14 -15.34 5.82
CA THR A 5 -22.98 -14.15 6.66
C THR A 5 -22.42 -14.52 8.03
N GLY A 6 -21.68 -13.60 8.63
CA GLY A 6 -21.11 -13.84 9.94
C GLY A 6 -20.31 -12.66 10.46
N ARG A 7 -19.42 -12.93 11.41
CA ARG A 7 -18.60 -11.87 11.99
C ARG A 7 -17.12 -12.09 11.67
N GLU A 8 -16.73 -13.36 11.60
CA GLU A 8 -15.34 -13.71 11.30
C GLU A 8 -14.85 -12.98 10.05
N HIS A 9 -15.66 -13.05 8.99
CA HIS A 9 -15.31 -12.40 7.73
C HIS A 9 -14.86 -10.96 7.96
N LEU A 10 -15.75 -10.15 8.52
CA LEU A 10 -15.44 -8.75 8.79
C LEU A 10 -14.08 -8.62 9.49
N SER A 11 -13.87 -9.42 10.53
CA SER A 11 -12.63 -9.39 11.28
C SER A 11 -11.45 -9.79 10.38
N VAL A 12 -11.69 -10.74 9.49
CA VAL A 12 -10.65 -11.20 8.57
C VAL A 12 -10.13 -10.06 7.71
N TYR A 13 -11.02 -9.42 6.97
CA TYR A 13 -10.66 -8.32 6.10
C TYR A 13 -9.95 -7.22 6.89
N ALA A 14 -10.41 -7.00 8.11
CA ALA A 14 -9.83 -5.97 8.98
C ALA A 14 -8.34 -6.24 9.21
N VAL A 15 -8.02 -7.48 9.58
CA VAL A 15 -6.64 -7.85 9.84
C VAL A 15 -5.78 -7.73 8.58
N VAL A 16 -6.37 -8.07 7.44
CA VAL A 16 -5.66 -7.99 6.16
C VAL A 16 -5.39 -6.53 5.77
N VAL A 17 -6.46 -5.74 5.68
CA VAL A 17 -6.34 -4.34 5.32
C VAL A 17 -5.30 -3.64 6.19
N ILE A 18 -5.57 -3.56 7.49
CA ILE A 18 -4.65 -2.92 8.42
C ILE A 18 -3.22 -3.37 8.19
N ALA A 19 -3.03 -4.68 8.07
CA ALA A 19 -1.71 -5.25 7.83
C ALA A 19 -1.01 -4.56 6.66
N SER A 20 -1.64 -4.62 5.48
CA SER A 20 -1.08 -4.00 4.28
C SER A 20 -0.94 -2.50 4.47
N VAL A 21 -1.94 -1.88 5.08
CA VAL A 21 -1.93 -0.45 5.33
C VAL A 21 -0.67 -0.03 6.10
N VAL A 22 -0.43 -0.70 7.22
CA VAL A 22 0.73 -0.40 8.06
C VAL A 22 2.03 -0.58 7.27
N GLY A 23 2.22 -1.78 6.74
CA GLY A 23 3.43 -2.06 5.98
C GLY A 23 3.70 -1.01 4.92
N PHE A 24 2.71 -0.74 4.09
CA PHE A 24 2.84 0.25 3.02
C PHE A 24 3.09 1.64 3.61
N CYS A 25 2.27 2.02 4.58
CA CYS A 25 2.41 3.32 5.21
C CYS A 25 3.85 3.58 5.65
N LEU A 26 4.55 2.51 5.99
CA LEU A 26 5.94 2.61 6.42
C LEU A 26 6.86 2.84 5.23
N LEU A 27 6.73 2.00 4.21
CA LEU A 27 7.55 2.10 3.02
C LEU A 27 7.28 3.41 2.28
N VAL A 28 6.04 3.89 2.37
CA VAL A 28 5.66 5.14 1.72
C VAL A 28 6.32 6.34 2.38
N MET A 29 6.00 6.58 3.64
CA MET A 29 6.57 7.70 4.38
C MET A 29 8.09 7.74 4.20
N LEU A 30 8.73 6.59 4.38
CA LEU A 30 10.19 6.49 4.25
C LEU A 30 10.62 6.94 2.85
N PHE A 31 9.82 6.60 1.84
CA PHE A 31 10.14 6.97 0.47
C PHE A 31 10.07 8.48 0.28
N LEU A 32 8.93 9.06 0.65
CA LEU A 32 8.72 10.50 0.51
C LEU A 32 9.91 11.27 1.09
N LEU A 33 10.33 10.87 2.29
CA LEU A 33 11.46 11.51 2.96
C LEU A 33 12.77 11.15 2.29
N LYS A 34 12.85 9.93 1.77
CA LYS A 34 14.06 9.45 1.10
C LYS A 34 14.46 10.40 -0.04
N LEU A 35 13.50 10.68 -0.93
CA LEU A 35 13.76 11.57 -2.05
C LEU A 35 13.88 13.01 -1.59
N ALA A 36 13.17 13.35 -0.52
CA ALA A 36 13.20 14.70 0.02
C ALA A 36 14.63 15.13 0.32
N ARG A 37 15.34 14.33 1.11
CA ARG A 37 16.72 14.64 1.46
C ARG A 37 17.66 14.36 0.30
N HIS A 38 17.32 13.35 -0.51
CA HIS A 38 18.14 12.99 -1.66
C HIS A 38 18.28 14.17 -2.62
N SER A 39 17.23 14.96 -2.73
CA SER A 39 17.24 16.13 -3.61
C SER A 39 18.16 17.21 -3.08
N LYS A 40 18.22 17.33 -1.75
CA LYS A 40 19.07 18.32 -1.11
C LYS A 40 19.18 19.58 -1.97
N PHE A 41 18.05 20.06 -2.45
CA PHE A 41 18.03 21.26 -3.29
C PHE A 41 19.05 21.15 -4.42
N GLY A 42 18.80 20.22 -5.35
CA GLY A 42 19.71 20.03 -6.47
C GLY A 42 19.02 20.21 -7.81
N MET A 43 19.74 19.92 -8.89
CA MET A 43 19.20 20.04 -10.23
C MET A 43 18.06 19.05 -10.45
N LYS A 44 18.20 17.87 -9.85
CA LYS A 44 17.18 16.82 -9.98
C LYS A 44 16.61 16.45 -8.62
N GLY A 45 15.36 16.02 -8.60
CA GLY A 45 14.71 15.64 -7.35
C GLY A 45 13.42 16.39 -7.11
N MET B 1 -2.17 -27.91 18.76
CA MET B 1 -1.52 -27.02 17.81
C MET B 1 -2.35 -26.90 16.53
N THR B 2 -2.29 -25.72 15.91
CA THR B 2 -3.03 -25.47 14.69
C THR B 2 -2.09 -25.26 13.50
N ASP B 3 -1.27 -26.26 13.22
CA ASP B 3 -0.32 -26.20 12.12
C ASP B 3 -0.66 -27.23 11.06
N LYS B 4 -0.61 -26.82 9.79
CA LYS B 4 -0.92 -27.71 8.68
C LYS B 4 -0.20 -27.26 7.41
N THR B 5 -0.41 -27.99 6.33
CA THR B 5 0.22 -27.67 5.05
C THR B 5 -0.76 -27.81 3.90
N GLY B 6 -0.57 -27.02 2.85
CA GLY B 6 -1.45 -27.08 1.70
C GLY B 6 -1.04 -26.11 0.61
N ARG B 7 -1.97 -25.83 -0.31
CA ARG B 7 -1.69 -24.91 -1.41
C ARG B 7 -2.63 -23.71 -1.35
N GLU B 8 -3.84 -23.92 -0.86
CA GLU B 8 -4.82 -22.85 -0.75
C GLU B 8 -4.23 -21.65 -0.03
N HIS B 9 -3.61 -21.90 1.12
CA HIS B 9 -2.99 -20.83 1.90
C HIS B 9 -2.15 -19.91 1.02
N LEU B 10 -1.12 -20.48 0.40
CA LEU B 10 -0.24 -19.73 -0.47
C LEU B 10 -1.04 -18.85 -1.43
N SER B 11 -2.02 -19.45 -2.09
CA SER B 11 -2.87 -18.73 -3.03
C SER B 11 -3.64 -17.62 -2.34
N VAL B 12 -4.07 -17.88 -1.11
CA VAL B 12 -4.81 -16.89 -0.33
C VAL B 12 -3.99 -15.62 -0.13
N TYR B 13 -2.82 -15.77 0.48
CA TYR B 13 -1.94 -14.63 0.73
C TYR B 13 -1.62 -13.89 -0.55
N ALA B 14 -1.45 -14.65 -1.63
CA ALA B 14 -1.14 -14.06 -2.93
C ALA B 14 -2.23 -13.08 -3.37
N VAL B 15 -3.48 -13.50 -3.28
CA VAL B 15 -4.61 -12.66 -3.66
C VAL B 15 -4.68 -11.42 -2.77
N VAL B 16 -4.40 -11.60 -1.49
CA VAL B 16 -4.44 -10.49 -0.53
C VAL B 16 -3.33 -9.49 -0.82
N VAL B 17 -2.09 -9.95 -0.82
CA VAL B 17 -0.94 -9.09 -1.08
C VAL B 17 -1.14 -8.28 -2.36
N ILE B 18 -1.22 -8.97 -3.49
CA ILE B 18 -1.41 -8.32 -4.78
C ILE B 18 -2.52 -7.27 -4.69
N ALA B 19 -3.65 -7.65 -4.11
CA ALA B 19 -4.78 -6.74 -3.97
C ALA B 19 -4.35 -5.42 -3.34
N SER B 20 -3.79 -5.49 -2.14
CA SER B 20 -3.35 -4.30 -1.43
C SER B 20 -2.25 -3.58 -2.22
N VAL B 21 -1.34 -4.36 -2.79
CA VAL B 21 -0.24 -3.80 -3.57
C VAL B 21 -0.76 -2.92 -4.70
N VAL B 22 -1.69 -3.46 -5.49
CA VAL B 22 -2.27 -2.72 -6.60
C VAL B 22 -2.95 -1.45 -6.12
N GLY B 23 -3.92 -1.61 -5.22
CA GLY B 23 -4.64 -0.47 -4.69
C GLY B 23 -3.70 0.63 -4.22
N PHE B 24 -2.75 0.28 -3.37
CA PHE B 24 -1.80 1.25 -2.83
C PHE B 24 -0.94 1.84 -3.96
N CYS B 25 -0.40 0.97 -4.79
CA CYS B 25 0.44 1.40 -5.91
C CYS B 25 -0.25 2.50 -6.71
N LEU B 26 -1.57 2.46 -6.74
CA LEU B 26 -2.35 3.45 -7.47
C LEU B 26 -2.42 4.77 -6.71
N LEU B 27 -2.80 4.69 -5.43
CA LEU B 27 -2.90 5.87 -4.58
C LEU B 27 -1.54 6.51 -4.38
N VAL B 28 -0.49 5.69 -4.38
CA VAL B 28 0.88 6.19 -4.21
C VAL B 28 1.33 7.00 -5.41
N MET B 29 1.42 6.35 -6.56
CA MET B 29 1.84 7.02 -7.79
C MET B 29 1.08 8.32 -7.98
N LEU B 30 -0.23 8.27 -7.82
CA LEU B 30 -1.08 9.45 -7.98
C LEU B 30 -0.66 10.56 -7.02
N PHE B 31 -0.27 10.16 -5.81
CA PHE B 31 0.16 11.11 -4.79
C PHE B 31 1.46 11.79 -5.19
N LEU B 32 2.47 10.99 -5.49
CA LEU B 32 3.77 11.52 -5.90
C LEU B 32 3.62 12.58 -6.99
N LEU B 33 2.79 12.28 -7.98
CA LEU B 33 2.55 13.20 -9.09
C LEU B 33 1.68 14.37 -8.63
N LYS B 34 0.77 14.10 -7.71
CA LYS B 34 -0.12 15.13 -7.18
C LYS B 34 0.67 16.30 -6.63
N LEU B 35 1.61 16.02 -5.73
CA LEU B 35 2.43 17.05 -5.13
C LEU B 35 3.44 17.61 -6.14
N ALA B 36 3.86 16.76 -7.08
CA ALA B 36 4.81 17.17 -8.11
C ALA B 36 4.31 18.40 -8.85
N ARG B 37 3.11 18.30 -9.40
CA ARG B 37 2.52 19.42 -10.13
C ARG B 37 2.04 20.52 -9.19
N HIS B 38 1.60 20.12 -8.01
CA HIS B 38 1.12 21.07 -7.01
C HIS B 38 2.21 22.07 -6.64
N SER B 39 3.45 21.60 -6.64
CA SER B 39 4.59 22.45 -6.30
C SER B 39 4.85 23.47 -7.40
N LYS B 40 4.60 23.07 -8.64
CA LYS B 40 4.81 23.95 -9.78
C LYS B 40 5.96 24.90 -9.53
N PHE B 41 7.09 24.37 -9.06
CA PHE B 41 8.27 25.18 -8.77
C PHE B 41 7.90 26.39 -7.93
N GLY B 42 7.50 26.14 -6.68
CA GLY B 42 7.13 27.22 -5.78
C GLY B 42 7.92 27.20 -4.49
N MET B 43 7.52 28.05 -3.55
CA MET B 43 8.20 28.13 -2.26
C MET B 43 8.04 26.83 -1.48
N LYS B 44 6.86 26.22 -1.60
CA LYS B 44 6.56 24.98 -0.90
C LYS B 44 6.11 23.90 -1.88
N GLY B 45 6.38 22.65 -1.54
CA GLY B 45 5.98 21.55 -2.40
C GLY B 45 7.14 20.64 -2.75
#